data_7PAB
#
_entry.id   7PAB
#
_cell.length_a   76.010
_cell.length_b   35.050
_cell.length_c   158.220
_cell.angle_alpha   90.000
_cell.angle_beta   93.694
_cell.angle_gamma   90.000
#
_symmetry.space_group_name_H-M   'P 1 21 1'
#
loop_
_entity.id
_entity.type
_entity.pdbx_description
1 polymer 'Nuclear egress protein 2,Nuclear egress protein 1'
2 non-polymer 'SULFATE ION'
3 non-polymer 'ZINC ION'
4 water water
#
_entity_poly.entity_id   1
_entity_poly.type   'polypeptide(L)'
_entity_poly.pdbx_seq_one_letter_code
;GSHMLEMGDNLLQRIRLVVPSALQCCDGDLPIFDPQRPPARCVFQFNGEDNVSEAFPVEYIMRLMANWAQVDCDPYIKIQ
NTGVSVLFQGFFFRPTNAPVAEVSIDSNNVILSSTLSTGINLSALESIKRGGGIDRRPLQALMWVNCFVRMPYVQLSFRF
MGPEDPSRTIKLMARATDAYMGGSGSGGSSKERSVYRHYFNYIARSPPEELATVRGLIVPIIKTTPVTLPFNLGQTVADN
CLSLSGMGYHLGLGGYCPTCTASGEPRLCRTDRAALILAYVQQLNNIYEYRVFLASILALSDRANMQAASAEPLLSSVLA
QPELFFMYHIMREGGMRDIRVLFYRDGDAGGFMMYVIFPGKSVHLHYRLIDHIQAACRGYKIVAHVWQTTFLLSVCRNPE
QQTETVVPSIGTSDVYCKMCDLNFDGELLLEYKRLYALFDDFVPPR
;
_entity_poly.pdbx_strand_id   A,C
#
# COMPACT_ATOMS: atom_id res chain seq x y z
N GLY A 1 59.88 27.39 -57.25
CA GLY A 1 60.87 26.43 -56.76
C GLY A 1 60.47 25.84 -55.42
N SER A 2 60.78 26.56 -54.34
CA SER A 2 60.39 26.18 -52.99
C SER A 2 59.03 26.72 -52.59
N HIS A 3 58.49 27.68 -53.35
CA HIS A 3 57.25 28.34 -52.98
C HIS A 3 56.14 27.33 -52.71
N MET A 4 55.98 26.36 -53.61
CA MET A 4 54.88 25.40 -53.48
C MET A 4 54.98 24.64 -52.16
N LEU A 5 56.18 24.16 -51.82
CA LEU A 5 56.38 23.51 -50.52
C LEU A 5 56.02 24.45 -49.38
N GLU A 6 56.31 25.74 -49.53
CA GLU A 6 56.00 26.70 -48.47
C GLU A 6 54.50 26.95 -48.38
N MET A 7 53.80 26.97 -49.51
CA MET A 7 52.36 27.22 -49.48
C MET A 7 51.63 26.11 -48.74
N GLY A 8 52.01 24.85 -49.00
CA GLY A 8 51.38 23.75 -48.30
C GLY A 8 51.69 23.74 -46.81
N ASP A 9 52.94 24.03 -46.45
CA ASP A 9 53.31 24.05 -45.04
C ASP A 9 52.61 25.18 -44.29
N ASN A 10 52.52 26.36 -44.91
CA ASN A 10 51.80 27.45 -44.27
C ASN A 10 50.36 27.06 -43.97
N LEU A 11 49.74 26.27 -44.86
CA LEU A 11 48.38 25.80 -44.62
C LEU A 11 48.32 24.89 -43.41
N LEU A 12 49.09 23.80 -43.44
CA LEU A 12 49.04 22.82 -42.35
C LEU A 12 49.43 23.45 -41.01
N GLN A 13 50.35 24.42 -41.03
CA GLN A 13 50.74 25.07 -39.78
C GLN A 13 49.61 25.93 -39.24
N ARG A 14 48.85 26.58 -40.12
CA ARG A 14 47.71 27.37 -39.67
C ARG A 14 46.57 26.48 -39.20
N ILE A 15 46.47 25.27 -39.77
CA ILE A 15 45.48 24.31 -39.28
C ILE A 15 45.86 23.82 -37.89
N ARG A 16 47.11 23.37 -37.73
CA ARG A 16 47.56 22.92 -36.42
C ARG A 16 47.46 24.04 -35.40
N LEU A 17 47.63 25.30 -35.83
CA LEU A 17 47.54 26.43 -34.91
C LEU A 17 46.16 26.48 -34.25
N VAL A 18 45.09 26.35 -35.04
CA VAL A 18 43.75 26.59 -34.52
C VAL A 18 43.13 25.38 -33.84
N VAL A 19 43.72 24.20 -33.98
CA VAL A 19 43.18 23.01 -33.30
C VAL A 19 43.69 22.98 -31.87
N PRO A 20 42.81 22.88 -30.87
CA PRO A 20 43.28 22.84 -29.48
C PRO A 20 44.25 21.69 -29.25
N SER A 21 45.16 21.90 -28.29
CA SER A 21 46.29 20.99 -28.12
C SER A 21 45.86 19.62 -27.61
N ALA A 22 44.74 19.54 -26.89
CA ALA A 22 44.27 18.24 -26.41
C ALA A 22 44.06 17.27 -27.57
N LEU A 23 43.77 17.79 -28.76
CA LEU A 23 43.70 16.98 -29.98
C LEU A 23 45.06 17.08 -30.65
N GLN A 24 45.93 16.13 -30.36
CA GLN A 24 47.32 16.23 -30.76
C GLN A 24 47.47 15.94 -32.25
N CYS A 25 48.20 16.82 -32.94
CA CYS A 25 48.57 16.55 -34.33
C CYS A 25 49.39 15.26 -34.39
N CYS A 26 49.00 14.37 -35.31
CA CYS A 26 49.70 13.10 -35.48
C CYS A 26 49.88 12.77 -36.96
N ASP A 27 50.05 13.79 -37.79
CA ASP A 27 50.22 13.57 -39.22
C ASP A 27 51.44 12.71 -39.50
N GLY A 28 51.40 11.99 -40.61
CA GLY A 28 52.52 11.21 -41.09
C GLY A 28 53.40 12.02 -42.01
N ASP A 29 54.01 11.32 -42.98
CA ASP A 29 54.85 11.95 -43.99
C ASP A 29 53.96 12.37 -45.16
N LEU A 30 53.80 13.70 -45.34
CA LEU A 30 52.91 14.21 -46.37
C LEU A 30 53.70 14.76 -47.55
N PRO A 31 53.10 14.75 -48.75
CA PRO A 31 53.82 15.25 -49.93
C PRO A 31 53.66 16.75 -50.13
N ILE A 32 54.21 17.26 -51.23
CA ILE A 32 54.01 18.66 -51.60
C ILE A 32 52.57 18.87 -52.04
N PHE A 33 51.97 19.96 -51.60
CA PHE A 33 50.59 20.29 -51.93
C PHE A 33 50.56 21.29 -53.07
N ASP A 34 49.86 20.95 -54.15
CA ASP A 34 49.73 21.84 -55.30
C ASP A 34 48.33 22.45 -55.28
N PRO A 35 48.20 23.76 -55.07
CA PRO A 35 46.84 24.35 -55.01
C PRO A 35 46.00 24.05 -56.23
N GLN A 36 46.60 23.91 -57.41
CA GLN A 36 45.86 23.58 -58.62
C GLN A 36 45.57 22.09 -58.76
N ARG A 37 46.20 21.25 -57.96
CA ARG A 37 45.95 19.81 -57.96
C ARG A 37 45.96 19.32 -56.51
N PRO A 38 44.92 19.65 -55.75
CA PRO A 38 44.91 19.27 -54.34
C PRO A 38 45.02 17.76 -54.19
N PRO A 39 45.64 17.28 -53.12
CA PRO A 39 45.72 15.83 -52.92
C PRO A 39 44.35 15.23 -52.66
N ALA A 40 44.29 13.91 -52.86
CA ALA A 40 43.11 13.14 -52.50
C ALA A 40 43.30 12.32 -51.23
N ARG A 41 44.54 12.04 -50.86
CA ARG A 41 44.83 11.32 -49.63
C ARG A 41 44.51 12.20 -48.42
N CYS A 42 44.72 11.65 -47.23
CA CYS A 42 44.54 12.41 -46.01
C CYS A 42 45.65 13.45 -45.88
N VAL A 43 45.27 14.66 -45.47
CA VAL A 43 46.22 15.76 -45.40
C VAL A 43 46.54 16.16 -43.96
N PHE A 44 45.68 15.87 -42.99
CA PHE A 44 46.02 16.09 -41.60
C PHE A 44 45.28 15.09 -40.73
N GLN A 45 45.83 14.86 -39.54
CA GLN A 45 45.23 13.96 -38.56
C GLN A 45 45.48 14.53 -37.17
N PHE A 46 44.42 14.57 -36.36
CA PHE A 46 44.52 14.96 -34.96
C PHE A 46 43.83 13.89 -34.11
N ASN A 47 44.40 13.61 -32.94
CA ASN A 47 43.97 12.49 -32.12
C ASN A 47 43.63 12.98 -30.72
N GLY A 48 42.49 12.54 -30.20
CA GLY A 48 42.10 12.83 -28.84
C GLY A 48 42.06 11.58 -27.98
N GLU A 49 42.86 11.55 -26.92
CA GLU A 49 42.95 10.38 -26.08
C GLU A 49 41.67 10.18 -25.27
N ASP A 50 41.60 9.04 -24.58
CA ASP A 50 40.43 8.75 -23.75
C ASP A 50 40.28 9.80 -22.66
N ASN A 51 39.03 10.11 -22.34
CA ASN A 51 38.64 11.10 -21.33
C ASN A 51 38.87 12.52 -21.81
N VAL A 52 39.30 12.73 -23.05
CA VAL A 52 39.45 14.08 -23.58
C VAL A 52 38.08 14.66 -23.89
N SER A 53 37.90 15.94 -23.59
CA SER A 53 36.70 16.69 -23.95
C SER A 53 37.16 17.98 -24.59
N GLU A 54 37.05 18.07 -25.92
CA GLU A 54 37.59 19.20 -26.66
C GLU A 54 36.71 19.45 -27.87
N ALA A 55 36.95 20.59 -28.52
CA ALA A 55 36.19 21.01 -29.70
C ALA A 55 37.14 21.17 -30.88
N PHE A 56 36.68 20.71 -32.05
CA PHE A 56 37.45 20.79 -33.28
C PHE A 56 36.85 21.86 -34.18
N PRO A 57 37.61 22.87 -34.64
CA PRO A 57 37.04 23.92 -35.51
C PRO A 57 36.86 23.43 -36.94
N VAL A 58 35.84 22.58 -37.13
CA VAL A 58 35.66 21.89 -38.40
C VAL A 58 35.37 22.88 -39.52
N GLU A 59 34.48 23.84 -39.28
CA GLU A 59 34.10 24.76 -40.35
C GLU A 59 35.27 25.67 -40.74
N TYR A 60 35.98 26.22 -39.75
CA TYR A 60 37.07 27.14 -40.05
C TYR A 60 38.14 26.44 -40.88
N ILE A 61 38.53 25.23 -40.48
CA ILE A 61 39.54 24.48 -41.22
C ILE A 61 39.07 24.21 -42.63
N MET A 62 37.81 23.80 -42.80
CA MET A 62 37.27 23.53 -44.13
C MET A 62 37.37 24.77 -45.02
N ARG A 63 36.94 25.93 -44.50
CA ARG A 63 36.96 27.14 -45.30
C ARG A 63 38.37 27.63 -45.54
N LEU A 64 39.27 27.41 -44.59
CA LEU A 64 40.69 27.70 -44.83
C LEU A 64 41.22 26.85 -45.99
N MET A 65 40.88 25.57 -46.00
CA MET A 65 41.33 24.68 -47.08
C MET A 65 40.71 25.11 -48.42
N ALA A 66 39.41 25.40 -48.43
CA ALA A 66 38.78 25.85 -49.67
C ALA A 66 39.39 27.15 -50.16
N ASN A 67 39.83 28.01 -49.23
CA ASN A 67 40.48 29.25 -49.63
C ASN A 67 41.87 28.99 -50.22
N TRP A 68 42.57 27.98 -49.70
CA TRP A 68 43.90 27.66 -50.22
C TRP A 68 43.82 27.03 -51.60
N ALA A 69 42.87 26.12 -51.81
CA ALA A 69 42.75 25.46 -53.10
C ALA A 69 42.38 26.46 -54.19
N GLN A 70 43.05 26.36 -55.33
CA GLN A 70 42.79 27.21 -56.48
C GLN A 70 41.83 26.55 -57.47
N VAL A 71 41.26 25.40 -57.13
CA VAL A 71 40.23 24.75 -57.91
C VAL A 71 39.05 24.43 -56.99
N ASP A 72 37.99 23.88 -57.57
CA ASP A 72 36.82 23.52 -56.78
C ASP A 72 37.11 22.30 -55.92
N CYS A 73 36.69 22.37 -54.66
CA CYS A 73 36.86 21.24 -53.75
C CYS A 73 35.74 21.29 -52.72
N ASP A 74 35.60 20.18 -51.99
CA ASP A 74 34.58 20.03 -50.95
C ASP A 74 35.29 19.45 -49.73
N PRO A 75 35.99 20.28 -48.96
CA PRO A 75 36.74 19.78 -47.81
C PRO A 75 35.87 18.89 -46.92
N TYR A 76 36.40 17.72 -46.59
CA TYR A 76 35.69 16.73 -45.80
C TYR A 76 36.59 16.28 -44.65
N ILE A 77 35.99 16.15 -43.47
CA ILE A 77 36.69 15.75 -42.25
C ILE A 77 35.99 14.51 -41.70
N LYS A 78 36.74 13.43 -41.53
CA LYS A 78 36.23 12.18 -41.01
C LYS A 78 36.56 12.07 -39.52
N ILE A 79 35.57 11.66 -38.74
CA ILE A 79 35.70 11.55 -37.28
C ILE A 79 35.51 10.08 -36.94
N GLN A 80 36.57 9.44 -36.46
CA GLN A 80 36.61 8.00 -36.28
C GLN A 80 36.91 7.64 -34.83
N ASN A 81 36.19 6.63 -34.33
CA ASN A 81 36.47 6.03 -33.04
C ASN A 81 37.47 4.90 -33.27
N THR A 82 38.72 5.13 -32.89
CA THR A 82 39.78 4.16 -33.18
C THR A 82 39.73 2.95 -32.27
N GLY A 83 38.87 2.93 -31.26
CA GLY A 83 38.89 1.95 -30.22
C GLY A 83 39.64 2.37 -28.97
N VAL A 84 40.56 3.33 -29.11
CA VAL A 84 41.25 3.91 -27.97
C VAL A 84 41.28 5.43 -28.01
N SER A 85 40.68 6.05 -29.02
CA SER A 85 40.78 7.49 -29.20
C SER A 85 39.82 7.93 -30.29
N VAL A 86 39.64 9.25 -30.40
CA VAL A 86 38.95 9.87 -31.52
C VAL A 86 39.99 10.39 -32.50
N LEU A 87 39.74 10.21 -33.79
CA LEU A 87 40.67 10.58 -34.85
C LEU A 87 39.96 11.47 -35.84
N PHE A 88 40.41 12.72 -35.95
CA PHE A 88 39.94 13.65 -36.97
C PHE A 88 40.89 13.56 -38.17
N GLN A 89 40.33 13.28 -39.35
CA GLN A 89 41.11 13.15 -40.57
C GLN A 89 40.56 14.09 -41.63
N GLY A 90 41.44 14.92 -42.19
CA GLY A 90 41.04 15.94 -43.14
C GLY A 90 41.31 15.55 -44.58
N PHE A 91 40.43 16.00 -45.47
CA PHE A 91 40.54 15.74 -46.90
C PHE A 91 40.04 16.95 -47.67
N PHE A 92 40.56 17.12 -48.89
CA PHE A 92 40.04 18.14 -49.78
C PHE A 92 38.79 17.66 -50.52
N PHE A 93 38.68 16.36 -50.77
CA PHE A 93 37.49 15.75 -51.34
C PHE A 93 37.12 14.54 -50.50
N ARG A 94 35.83 14.34 -50.30
CA ARG A 94 35.38 13.21 -49.50
C ARG A 94 35.76 11.91 -50.18
N PRO A 95 36.45 10.99 -49.51
CA PRO A 95 36.74 9.69 -50.14
C PRO A 95 35.48 9.02 -50.66
N THR A 96 35.64 7.98 -51.48
CA THR A 96 34.53 7.43 -52.24
C THR A 96 33.34 7.09 -51.34
N ASN A 97 33.55 6.22 -50.35
CA ASN A 97 32.49 5.75 -49.48
C ASN A 97 32.68 6.21 -48.04
N ALA A 98 33.09 7.47 -47.86
CA ALA A 98 33.25 7.99 -46.51
C ALA A 98 31.91 8.47 -45.96
N PRO A 99 31.70 8.40 -44.64
CA PRO A 99 30.41 8.75 -44.07
C PRO A 99 30.22 10.25 -43.91
N VAL A 100 28.97 10.68 -44.07
CA VAL A 100 28.56 12.05 -43.81
C VAL A 100 27.42 12.02 -42.81
N ALA A 101 27.58 12.78 -41.73
CA ALA A 101 26.60 12.74 -40.64
C ALA A 101 25.27 13.35 -41.07
N GLU A 102 24.19 12.75 -40.60
CA GLU A 102 22.84 13.26 -40.85
C GLU A 102 22.40 14.04 -39.60
N VAL A 103 22.90 15.28 -39.51
CA VAL A 103 22.65 16.13 -38.36
C VAL A 103 21.92 17.38 -38.80
N SER A 104 21.32 18.05 -37.83
CA SER A 104 20.62 19.31 -38.03
C SER A 104 20.87 20.20 -36.82
N ILE A 105 20.27 21.38 -36.82
CA ILE A 105 20.39 22.27 -35.66
C ILE A 105 19.89 21.57 -34.40
N ASP A 106 18.72 20.93 -34.49
CA ASP A 106 18.08 20.34 -33.31
C ASP A 106 18.60 18.94 -33.01
N SER A 107 18.86 18.13 -34.03
CA SER A 107 19.43 16.80 -33.85
C SER A 107 20.91 16.87 -34.24
N ASN A 108 21.73 17.30 -33.28
CA ASN A 108 23.14 17.60 -33.53
C ASN A 108 24.10 16.67 -32.82
N ASN A 109 23.61 15.64 -32.14
CA ASN A 109 24.46 14.71 -31.39
C ASN A 109 24.68 13.44 -32.19
N VAL A 110 25.91 12.93 -32.13
CA VAL A 110 26.29 11.67 -32.77
C VAL A 110 27.17 10.89 -31.81
N ILE A 111 26.79 9.64 -31.52
CA ILE A 111 27.55 8.76 -30.64
C ILE A 111 28.14 7.65 -31.50
N LEU A 112 29.47 7.52 -31.46
CA LEU A 112 30.18 6.51 -32.25
C LEU A 112 30.61 5.35 -31.36
N SER A 113 30.26 4.14 -31.75
CA SER A 113 30.73 2.95 -31.06
C SER A 113 32.19 2.68 -31.44
N SER A 114 32.74 1.61 -30.89
CA SER A 114 34.12 1.25 -31.18
C SER A 114 34.27 0.89 -32.66
N THR A 115 35.32 1.40 -33.28
CA THR A 115 35.74 1.16 -34.66
C THR A 115 34.87 1.91 -35.67
N LEU A 116 33.80 2.57 -35.25
CA LEU A 116 32.93 3.26 -36.19
C LEU A 116 33.39 4.71 -36.37
N SER A 117 32.81 5.37 -37.37
CA SER A 117 33.23 6.72 -37.72
C SER A 117 32.08 7.45 -38.40
N THR A 118 32.13 8.78 -38.33
CA THR A 118 31.22 9.64 -39.06
C THR A 118 32.03 10.72 -39.77
N GLY A 119 31.37 11.69 -40.37
CA GLY A 119 32.10 12.75 -41.04
C GLY A 119 31.17 13.86 -41.46
N ILE A 120 31.76 14.87 -42.11
CA ILE A 120 31.01 16.00 -42.63
C ILE A 120 31.89 16.75 -43.61
N ASN A 121 31.28 17.33 -44.64
CA ASN A 121 31.98 18.15 -45.60
C ASN A 121 31.38 19.55 -45.60
N LEU A 122 32.10 20.48 -46.21
CA LEU A 122 31.67 21.88 -46.22
C LEU A 122 30.32 22.04 -46.90
N SER A 123 30.05 21.23 -47.92
CA SER A 123 28.76 21.32 -48.61
C SER A 123 27.61 20.99 -47.67
N ALA A 124 27.71 19.88 -46.94
CA ALA A 124 26.68 19.54 -45.98
C ALA A 124 26.61 20.56 -44.86
N LEU A 125 27.77 21.04 -44.40
CA LEU A 125 27.79 22.07 -43.37
C LEU A 125 27.02 23.30 -43.82
N GLU A 126 27.28 23.77 -45.04
CA GLU A 126 26.57 24.94 -45.55
C GLU A 126 25.08 24.68 -45.67
N SER A 127 24.70 23.46 -46.08
CA SER A 127 23.29 23.12 -46.18
C SER A 127 22.61 23.19 -44.82
N ILE A 128 23.26 22.62 -43.79
CA ILE A 128 22.73 22.72 -42.44
C ILE A 128 22.64 24.17 -42.01
N LYS A 129 23.61 24.99 -42.45
CA LYS A 129 23.65 26.39 -42.03
C LYS A 129 22.49 27.18 -42.61
N ARG A 130 22.19 26.98 -43.90
CA ARG A 130 21.11 27.71 -44.55
C ARG A 130 19.73 27.18 -44.17
N GLY A 131 19.63 25.94 -43.71
CA GLY A 131 18.34 25.43 -43.29
C GLY A 131 17.92 25.90 -41.92
N GLY A 132 18.87 26.14 -41.03
CA GLY A 132 18.62 26.64 -39.70
C GLY A 132 18.64 28.14 -39.57
N GLY A 133 18.69 28.88 -40.69
CA GLY A 133 18.73 30.33 -40.62
C GLY A 133 19.94 30.88 -39.89
N ILE A 134 21.05 30.14 -39.88
CA ILE A 134 22.23 30.60 -39.16
C ILE A 134 22.86 31.77 -39.92
N ASP A 135 23.49 32.67 -39.17
CA ASP A 135 24.13 33.83 -39.76
C ASP A 135 25.30 33.39 -40.62
N ARG A 136 25.27 33.77 -41.90
CA ARG A 136 26.29 33.36 -42.86
C ARG A 136 27.39 34.40 -43.05
N ARG A 137 27.29 35.55 -42.41
CA ARG A 137 28.37 36.53 -42.50
C ARG A 137 29.66 35.91 -42.00
N PRO A 138 30.79 36.14 -42.67
CA PRO A 138 32.03 35.46 -42.28
C PRO A 138 32.39 35.72 -40.82
N LEU A 139 32.66 34.63 -40.09
CA LEU A 139 33.16 34.63 -38.71
C LEU A 139 32.07 34.94 -37.70
N GLN A 140 30.81 35.04 -38.12
CA GLN A 140 29.72 35.25 -37.17
C GLN A 140 29.19 33.95 -36.61
N ALA A 141 29.26 32.85 -37.37
CA ALA A 141 28.74 31.57 -36.90
C ALA A 141 29.48 30.45 -37.64
N LEU A 142 30.42 29.80 -36.95
CA LEU A 142 31.15 28.67 -37.50
C LEU A 142 30.84 27.42 -36.68
N MET A 143 30.72 26.29 -37.37
CA MET A 143 30.44 25.03 -36.71
C MET A 143 31.71 24.44 -36.12
N TRP A 144 31.59 23.93 -34.90
CA TRP A 144 32.60 23.10 -34.27
C TRP A 144 32.00 21.74 -33.96
N VAL A 145 32.86 20.77 -33.70
CA VAL A 145 32.44 19.45 -33.26
C VAL A 145 33.00 19.24 -31.87
N ASN A 146 32.13 19.29 -30.86
CA ASN A 146 32.51 18.95 -29.50
C ASN A 146 32.60 17.43 -29.38
N CYS A 147 33.76 16.94 -28.96
CA CYS A 147 33.97 15.52 -28.76
C CYS A 147 34.18 15.25 -27.28
N PHE A 148 33.60 14.16 -26.80
CA PHE A 148 33.80 13.68 -25.43
C PHE A 148 34.25 12.23 -25.55
N VAL A 149 35.56 12.00 -25.51
CA VAL A 149 36.10 10.66 -25.67
C VAL A 149 35.84 9.90 -24.38
N ARG A 150 34.97 8.90 -24.45
CA ARG A 150 34.50 8.14 -23.30
C ARG A 150 34.55 6.64 -23.61
N MET A 151 35.73 6.17 -24.04
CA MET A 151 35.93 4.80 -24.51
C MET A 151 35.10 3.82 -23.70
N PRO A 152 34.45 2.83 -24.33
CA PRO A 152 34.60 2.47 -25.75
C PRO A 152 33.84 3.37 -26.73
N TYR A 153 33.24 4.45 -26.23
CA TYR A 153 32.41 5.31 -27.06
C TYR A 153 33.08 6.67 -27.28
N VAL A 154 32.68 7.33 -28.35
CA VAL A 154 33.07 8.70 -28.65
C VAL A 154 31.79 9.49 -28.89
N GLN A 155 31.57 10.51 -28.06
CA GLN A 155 30.39 11.37 -28.18
C GLN A 155 30.76 12.61 -28.97
N LEU A 156 29.94 12.94 -29.96
CA LEU A 156 30.14 14.11 -30.81
C LEU A 156 28.93 15.01 -30.75
N SER A 157 29.16 16.31 -30.93
CA SER A 157 28.07 17.27 -31.02
C SER A 157 28.46 18.35 -32.02
N PHE A 158 27.67 18.51 -33.07
CA PHE A 158 27.93 19.49 -34.12
C PHE A 158 27.23 20.79 -33.75
N ARG A 159 28.01 21.78 -33.33
CA ARG A 159 27.47 23.00 -32.74
C ARG A 159 28.04 24.22 -33.45
N PHE A 160 27.18 25.21 -33.68
CA PHE A 160 27.59 26.48 -34.27
C PHE A 160 28.02 27.44 -33.16
N MET A 161 29.22 27.99 -33.30
CA MET A 161 29.79 28.89 -32.32
C MET A 161 29.95 30.28 -32.92
N GLY A 162 29.88 31.29 -32.06
CA GLY A 162 29.96 32.67 -32.51
C GLY A 162 30.81 33.53 -31.59
N PRO A 163 31.09 34.75 -32.03
CA PRO A 163 31.98 35.62 -31.25
C PRO A 163 31.30 36.14 -29.99
N GLU A 164 32.13 36.39 -28.96
CA GLU A 164 31.62 37.00 -27.75
C GLU A 164 31.20 38.45 -28.00
N ASP A 165 31.95 39.17 -28.83
CA ASP A 165 31.61 40.53 -29.22
C ASP A 165 31.42 40.58 -30.73
N PRO A 166 30.18 40.50 -31.22
CA PRO A 166 29.98 40.56 -32.67
C PRO A 166 30.50 41.83 -33.31
N SER A 167 30.42 42.96 -32.61
CA SER A 167 30.92 44.22 -33.18
C SER A 167 32.42 44.15 -33.39
N ARG A 168 33.15 43.51 -32.46
CA ARG A 168 34.59 43.36 -32.63
C ARG A 168 34.91 42.51 -33.85
N THR A 169 34.00 41.63 -34.25
CA THR A 169 34.22 40.80 -35.44
C THR A 169 33.80 41.52 -36.70
N ILE A 170 32.74 42.33 -36.64
CA ILE A 170 32.33 43.11 -37.80
C ILE A 170 33.41 44.12 -38.19
N LYS A 171 34.13 44.64 -37.20
CA LYS A 171 35.21 45.59 -37.49
C LYS A 171 36.41 44.87 -38.09
N LEU A 172 36.70 43.65 -37.62
CA LEU A 172 37.78 42.87 -38.22
C LEU A 172 37.52 42.65 -39.70
N MET A 173 36.32 42.18 -40.04
CA MET A 173 35.95 42.00 -41.44
C MET A 173 35.94 43.33 -42.19
N ALA A 174 35.78 44.45 -41.48
CA ALA A 174 35.85 45.75 -42.13
C ALA A 174 37.29 46.12 -42.47
N ARG A 175 38.22 45.86 -41.54
CA ARG A 175 39.62 46.12 -41.82
C ARG A 175 40.17 45.12 -42.84
N ALA A 176 39.72 43.88 -42.80
CA ALA A 176 40.19 42.89 -43.76
C ALA A 176 39.76 43.25 -45.18
N THR A 177 38.52 43.70 -45.34
CA THR A 177 38.04 44.10 -46.66
C THR A 177 38.71 45.39 -47.13
N ASP A 178 39.09 46.26 -46.19
CA ASP A 178 39.79 47.48 -46.56
C ASP A 178 41.17 47.17 -47.13
N ALA A 179 41.95 46.33 -46.43
CA ALA A 179 43.26 45.97 -46.93
C ALA A 179 43.17 45.28 -48.29
N TYR A 180 42.18 44.39 -48.45
CA TYR A 180 42.01 43.71 -49.73
C TYR A 180 41.68 44.69 -50.85
N MET A 181 40.98 45.78 -50.53
CA MET A 181 40.63 46.80 -51.51
C MET A 181 41.76 47.82 -51.64
N SER A 194 34.37 34.44 -51.82
CA SER A 194 33.42 35.36 -51.20
C SER A 194 34.16 36.40 -50.37
N VAL A 195 33.49 36.92 -49.33
CA VAL A 195 34.16 37.84 -48.42
C VAL A 195 35.12 37.09 -47.51
N TYR A 196 34.98 35.77 -47.39
CA TYR A 196 35.95 34.99 -46.61
C TYR A 196 37.36 35.18 -47.15
N ARG A 197 37.51 35.25 -48.48
CA ARG A 197 38.84 35.39 -49.07
C ARG A 197 39.54 36.64 -48.56
N HIS A 198 38.79 37.73 -48.40
CA HIS A 198 39.38 38.94 -47.81
C HIS A 198 39.94 38.65 -46.44
N TYR A 199 39.18 37.94 -45.60
CA TYR A 199 39.62 37.65 -44.25
C TYR A 199 40.87 36.77 -44.25
N PHE A 200 40.88 35.72 -45.08
CA PHE A 200 41.98 34.77 -45.04
C PHE A 200 43.27 35.40 -45.53
N ASN A 201 43.19 36.26 -46.55
CA ASN A 201 44.39 36.95 -47.02
C ASN A 201 44.89 37.94 -45.97
N TYR A 202 43.97 38.68 -45.34
CA TYR A 202 44.37 39.63 -44.30
C TYR A 202 44.96 38.90 -43.10
N ILE A 203 44.25 37.90 -42.58
CA ILE A 203 44.69 37.24 -41.36
C ILE A 203 45.94 36.38 -41.58
N ALA A 204 46.22 36.01 -42.83
CA ALA A 204 47.43 35.26 -43.12
C ALA A 204 48.69 35.98 -42.66
N ARG A 205 48.63 37.31 -42.53
CA ARG A 205 49.78 38.10 -42.15
C ARG A 205 50.05 38.09 -40.65
N SER A 206 49.11 37.61 -39.83
CA SER A 206 49.26 37.62 -38.38
C SER A 206 48.71 36.33 -37.80
N PRO A 207 49.54 35.30 -37.68
CA PRO A 207 49.10 34.05 -37.04
C PRO A 207 48.53 34.31 -35.66
N PRO A 208 49.11 35.22 -34.87
CA PRO A 208 48.53 35.48 -33.54
C PRO A 208 47.11 36.00 -33.62
N GLU A 209 46.83 36.93 -34.54
CA GLU A 209 45.47 37.45 -34.67
C GLU A 209 44.52 36.38 -35.20
N GLU A 210 45.02 35.42 -35.98
CA GLU A 210 44.16 34.34 -36.45
C GLU A 210 43.78 33.41 -35.30
N LEU A 211 44.75 33.04 -34.46
CA LEU A 211 44.45 32.21 -33.29
C LEU A 211 43.45 32.92 -32.38
N ALA A 212 43.71 34.18 -32.04
CA ALA A 212 42.80 34.91 -31.18
C ALA A 212 41.41 34.98 -31.79
N THR A 213 41.31 34.99 -33.12
CA THR A 213 40.01 35.06 -33.76
C THR A 213 39.26 33.74 -33.67
N VAL A 214 39.95 32.62 -33.91
CA VAL A 214 39.28 31.33 -33.86
C VAL A 214 38.95 30.94 -32.43
N ARG A 215 39.87 31.22 -31.50
CA ARG A 215 39.59 30.96 -30.09
C ARG A 215 38.52 31.87 -29.52
N GLY A 216 38.12 32.91 -30.26
CA GLY A 216 37.04 33.78 -29.84
C GLY A 216 35.65 33.28 -30.18
N LEU A 217 35.55 32.29 -31.07
CA LEU A 217 34.26 31.66 -31.39
C LEU A 217 33.95 30.64 -30.29
N ILE A 218 33.51 31.15 -29.14
CA ILE A 218 33.31 30.32 -27.96
C ILE A 218 31.93 30.55 -27.36
N VAL A 219 31.04 31.16 -28.12
CA VAL A 219 29.66 31.39 -27.68
C VAL A 219 28.76 30.44 -28.47
N PRO A 220 28.18 29.41 -27.85
CA PRO A 220 27.15 28.63 -28.53
C PRO A 220 26.04 29.53 -29.07
N ILE A 221 25.70 29.33 -30.34
CA ILE A 221 24.61 30.09 -30.93
C ILE A 221 23.26 29.48 -30.56
N ILE A 222 23.22 28.17 -30.29
CA ILE A 222 22.01 27.47 -29.91
C ILE A 222 22.28 26.82 -28.56
N LYS A 223 21.89 27.50 -27.49
CA LYS A 223 22.14 26.99 -26.15
C LYS A 223 21.14 25.94 -25.72
N THR A 224 19.95 25.92 -26.30
CA THR A 224 18.94 24.91 -26.01
C THR A 224 18.35 24.40 -27.31
N THR A 225 17.91 23.14 -27.27
CA THR A 225 17.40 22.42 -28.42
C THR A 225 16.15 21.64 -28.02
N PRO A 226 15.09 21.69 -28.82
CA PRO A 226 13.87 20.97 -28.46
C PRO A 226 14.01 19.48 -28.70
N VAL A 227 13.33 18.71 -27.84
CA VAL A 227 13.25 17.26 -27.99
C VAL A 227 11.78 16.85 -27.95
N THR A 228 11.51 15.70 -28.54
CA THR A 228 10.18 15.11 -28.53
C THR A 228 10.13 13.99 -27.50
N LEU A 229 9.06 13.97 -26.71
CA LEU A 229 8.88 12.83 -25.82
C LEU A 229 8.13 11.73 -26.54
N PRO A 230 8.49 10.44 -26.34
CA PRO A 230 9.52 9.94 -25.43
C PRO A 230 10.94 10.26 -25.91
N PHE A 231 11.82 10.64 -24.98
CA PHE A 231 13.19 10.99 -25.29
C PHE A 231 14.13 9.98 -24.66
N ASN A 232 14.88 9.25 -25.49
CA ASN A 232 15.89 8.32 -25.01
C ASN A 232 17.13 9.09 -24.59
N LEU A 233 17.49 9.00 -23.31
CA LEU A 233 18.67 9.70 -22.83
C LEU A 233 19.96 9.23 -23.48
N GLY A 234 19.93 8.12 -24.22
CA GLY A 234 21.10 7.69 -24.95
C GLY A 234 21.52 8.61 -26.07
N GLN A 235 20.66 9.53 -26.47
CA GLN A 235 20.95 10.50 -27.52
C GLN A 235 21.64 11.75 -27.00
N THR A 236 21.88 11.85 -25.69
CA THR A 236 22.55 13.00 -25.12
C THR A 236 24.07 12.81 -25.15
N VAL A 237 24.79 13.90 -24.93
CA VAL A 237 26.24 13.86 -24.75
C VAL A 237 26.56 14.35 -23.33
N ALA A 238 27.82 14.15 -22.94
CA ALA A 238 28.20 14.24 -21.53
C ALA A 238 27.87 15.59 -20.90
N ASP A 239 27.69 16.65 -21.69
CA ASP A 239 27.38 17.96 -21.13
C ASP A 239 25.93 18.37 -21.38
N ASN A 240 25.09 17.45 -21.85
CA ASN A 240 23.68 17.75 -22.05
C ASN A 240 22.92 17.64 -20.73
N CYS A 241 22.12 18.66 -20.43
CA CYS A 241 21.09 18.57 -19.40
C CYS A 241 19.73 18.47 -20.08
N LEU A 242 18.73 18.06 -19.31
CA LEU A 242 17.38 17.86 -19.83
C LEU A 242 16.38 18.60 -18.96
N SER A 243 15.55 19.43 -19.59
CA SER A 243 14.55 20.23 -18.92
C SER A 243 13.17 19.85 -19.44
N LEU A 244 12.27 19.48 -18.54
CA LEU A 244 10.88 19.19 -18.87
C LEU A 244 9.99 20.01 -17.95
N SER A 245 9.10 20.79 -18.54
CA SER A 245 8.22 21.68 -17.77
C SER A 245 7.10 22.14 -18.68
N GLY A 246 6.32 23.10 -18.18
CA GLY A 246 5.34 23.75 -19.03
C GLY A 246 5.94 24.61 -20.13
N MET A 247 7.24 24.88 -20.06
CA MET A 247 7.95 25.61 -21.10
C MET A 247 8.39 24.71 -22.24
N GLY A 248 8.14 23.41 -22.16
CA GLY A 248 8.47 22.48 -23.23
C GLY A 248 9.52 21.48 -22.80
N TYR A 249 10.04 20.76 -23.79
CA TYR A 249 11.06 19.74 -23.59
C TYR A 249 12.31 20.18 -24.34
N HIS A 250 13.42 20.36 -23.61
CA HIS A 250 14.62 20.94 -24.19
C HIS A 250 15.88 20.29 -23.64
N LEU A 251 16.87 20.11 -24.52
CA LEU A 251 18.22 19.80 -24.10
C LEU A 251 19.02 21.09 -23.98
N GLY A 252 19.86 21.17 -22.94
CA GLY A 252 20.68 22.32 -22.70
C GLY A 252 22.16 21.96 -22.73
N LEU A 253 22.99 23.01 -22.76
CA LEU A 253 24.43 22.86 -22.65
C LEU A 253 24.83 23.12 -21.20
N GLY A 254 25.38 22.11 -20.55
CA GLY A 254 25.66 22.20 -19.13
C GLY A 254 26.42 23.45 -18.75
N GLY A 255 27.40 23.84 -19.56
CA GLY A 255 28.20 25.01 -19.23
C GLY A 255 27.43 26.31 -19.33
N TYR A 256 26.42 26.36 -20.19
CA TYR A 256 25.67 27.59 -20.45
C TYR A 256 24.24 27.52 -19.95
N CYS A 257 23.88 26.48 -19.19
CA CYS A 257 22.56 26.39 -18.59
C CYS A 257 22.59 27.07 -17.23
N PRO A 258 21.76 28.10 -16.99
CA PRO A 258 21.78 28.73 -15.66
C PRO A 258 21.49 27.77 -14.53
N THR A 259 20.51 26.88 -14.70
CA THR A 259 20.17 25.94 -13.63
C THR A 259 21.35 25.04 -13.29
N CYS A 260 21.96 24.43 -14.30
CA CYS A 260 23.09 23.54 -14.06
C CYS A 260 24.21 24.28 -13.34
N THR A 261 24.71 25.37 -13.94
CA THR A 261 25.82 26.10 -13.35
C THR A 261 25.54 26.52 -11.91
N ALA A 262 24.28 26.79 -11.59
CA ALA A 262 23.91 27.16 -10.24
C ALA A 262 23.87 25.93 -9.33
N THR A 271 32.29 8.23 -7.49
CA THR A 271 31.17 7.33 -7.59
C THR A 271 31.29 6.46 -8.85
N ASP A 272 32.22 5.51 -8.82
CA ASP A 272 32.43 4.60 -9.93
C ASP A 272 31.59 3.35 -9.72
N ARG A 273 31.82 2.32 -10.55
CA ARG A 273 31.04 1.09 -10.44
C ARG A 273 31.26 0.41 -9.09
N ALA A 274 32.43 0.60 -8.48
CA ALA A 274 32.70 -0.02 -7.20
C ALA A 274 31.79 0.53 -6.10
N ALA A 275 31.70 1.86 -6.00
CA ALA A 275 30.87 2.46 -4.97
C ALA A 275 29.40 2.11 -5.16
N LEU A 276 28.97 1.87 -6.39
CA LEU A 276 27.57 1.49 -6.64
C LEU A 276 27.31 0.08 -6.15
N ILE A 277 28.18 -0.86 -6.50
CA ILE A 277 28.04 -2.22 -5.99
C ILE A 277 28.15 -2.23 -4.48
N LEU A 278 29.09 -1.45 -3.94
CA LEU A 278 29.21 -1.33 -2.49
C LEU A 278 27.93 -0.83 -1.85
N ALA A 279 27.19 0.04 -2.55
CA ALA A 279 25.94 0.54 -1.99
C ALA A 279 24.84 -0.51 -2.04
N TYR A 280 24.90 -1.43 -3.00
CA TYR A 280 23.88 -2.47 -3.11
C TYR A 280 24.03 -3.50 -2.00
N VAL A 281 25.27 -3.96 -1.76
CA VAL A 281 25.49 -4.93 -0.70
C VAL A 281 25.37 -4.31 0.68
N GLN A 282 25.45 -2.98 0.78
CA GLN A 282 25.37 -2.27 2.05
C GLN A 282 24.03 -1.56 2.21
N GLN A 283 22.98 -2.03 1.54
CA GLN A 283 21.68 -1.37 1.63
C GLN A 283 21.00 -1.64 2.95
N LEU A 284 21.18 -2.83 3.52
CA LEU A 284 20.60 -3.13 4.83
C LEU A 284 20.98 -2.09 5.87
N ASN A 285 22.17 -1.50 5.73
CA ASN A 285 22.60 -0.43 6.62
C ASN A 285 22.17 0.91 6.05
N ASN A 286 21.78 1.83 6.92
CA ASN A 286 21.15 3.08 6.51
C ASN A 286 19.83 2.78 5.81
N ILE A 287 19.01 1.94 6.45
CA ILE A 287 17.75 1.49 5.86
C ILE A 287 16.85 2.68 5.53
N TYR A 288 16.97 3.77 6.29
CA TYR A 288 16.16 4.95 6.01
C TYR A 288 16.44 5.52 4.62
N GLU A 289 17.66 5.29 4.10
CA GLU A 289 18.02 5.89 2.82
C GLU A 289 17.07 5.46 1.70
N TYR A 290 16.73 4.18 1.63
CA TYR A 290 15.82 3.68 0.62
C TYR A 290 14.52 3.17 1.25
N ARG A 291 14.05 3.89 2.26
CA ARG A 291 12.70 3.68 2.77
C ARG A 291 11.66 3.87 1.66
N VAL A 292 11.85 4.90 0.83
CA VAL A 292 10.93 5.16 -0.27
C VAL A 292 10.97 4.05 -1.30
N PHE A 293 12.11 3.37 -1.43
CA PHE A 293 12.22 2.24 -2.35
C PHE A 293 11.38 1.07 -1.87
N LEU A 294 11.56 0.67 -0.61
CA LEU A 294 10.82 -0.47 -0.07
C LEU A 294 9.33 -0.19 0.00
N ALA A 295 8.94 1.05 0.28
CA ALA A 295 7.51 1.38 0.36
C ALA A 295 6.80 1.10 -0.95
N SER A 296 7.50 1.23 -2.07
CA SER A 296 6.90 0.89 -3.37
C SER A 296 6.60 -0.60 -3.45
N ILE A 297 7.50 -1.43 -2.94
CA ILE A 297 7.30 -2.88 -3.02
C ILE A 297 6.15 -3.32 -2.11
N LEU A 298 5.95 -2.62 -0.99
CA LEU A 298 4.76 -2.89 -0.18
C LEU A 298 3.48 -2.61 -0.97
N ALA A 299 3.37 -1.39 -1.51
CA ALA A 299 2.19 -1.03 -2.28
C ALA A 299 1.99 -1.96 -3.46
N LEU A 300 3.08 -2.45 -4.06
CA LEU A 300 2.96 -3.41 -5.15
C LEU A 300 2.54 -4.79 -4.66
N SER A 301 2.78 -5.11 -3.39
CA SER A 301 2.39 -6.41 -2.87
C SER A 301 0.86 -6.52 -2.79
N ASP A 302 0.18 -5.45 -2.39
CA ASP A 302 -1.28 -5.45 -2.36
C ASP A 302 -1.86 -5.94 -3.67
N ARG A 303 -1.58 -5.21 -4.75
CA ARG A 303 -2.17 -5.49 -6.04
C ARG A 303 -1.61 -6.79 -6.64
N ALA A 304 -2.37 -7.36 -7.56
CA ALA A 304 -1.98 -8.60 -8.22
C ALA A 304 -2.91 -8.89 -9.40
N SER A 310 3.02 -13.88 -0.90
CA SER A 310 3.76 -13.02 0.03
C SER A 310 4.55 -11.95 -0.72
N ALA A 311 5.07 -10.98 0.03
CA ALA A 311 5.88 -9.92 -0.52
C ALA A 311 7.36 -10.28 -0.59
N GLU A 312 7.78 -11.36 0.08
CA GLU A 312 9.20 -11.74 0.04
C GLU A 312 9.63 -12.18 -1.35
N PRO A 313 8.93 -13.08 -2.04
CA PRO A 313 9.36 -13.43 -3.40
C PRO A 313 9.36 -12.26 -4.36
N LEU A 314 8.51 -11.25 -4.12
CA LEU A 314 8.54 -10.06 -4.96
C LEU A 314 9.78 -9.22 -4.66
N LEU A 315 10.13 -9.09 -3.39
CA LEU A 315 11.33 -8.33 -3.03
C LEU A 315 12.57 -8.97 -3.62
N SER A 316 12.61 -10.30 -3.69
CA SER A 316 13.78 -10.98 -4.27
C SER A 316 13.91 -10.68 -5.75
N SER A 317 12.78 -10.63 -6.47
CA SER A 317 12.84 -10.39 -7.91
C SER A 317 13.39 -9.00 -8.22
N VAL A 318 12.97 -7.99 -7.44
CA VAL A 318 13.44 -6.63 -7.70
C VAL A 318 14.92 -6.50 -7.35
N LEU A 319 15.36 -7.19 -6.29
CA LEU A 319 16.78 -7.15 -5.94
C LEU A 319 17.64 -7.90 -6.95
N ALA A 320 17.06 -8.86 -7.68
CA ALA A 320 17.79 -9.51 -8.75
C ALA A 320 18.17 -8.55 -9.88
N GLN A 321 17.59 -7.35 -9.89
CA GLN A 321 17.91 -6.33 -10.87
C GLN A 321 18.57 -5.14 -10.17
N PRO A 322 19.83 -5.27 -9.76
CA PRO A 322 20.45 -4.21 -8.95
C PRO A 322 20.58 -2.89 -9.68
N GLU A 323 20.56 -2.88 -11.01
CA GLU A 323 20.57 -1.61 -11.73
C GLU A 323 19.41 -0.72 -11.29
N LEU A 324 18.26 -1.32 -11.02
CA LEU A 324 17.11 -0.54 -10.57
C LEU A 324 17.42 0.16 -9.24
N PHE A 325 18.12 -0.53 -8.33
CA PHE A 325 18.55 0.11 -7.10
C PHE A 325 19.63 1.15 -7.37
N PHE A 326 20.53 0.88 -8.31
CA PHE A 326 21.54 1.88 -8.68
C PHE A 326 20.89 3.19 -9.09
N MET A 327 19.90 3.11 -9.99
CA MET A 327 19.21 4.32 -10.45
C MET A 327 18.64 5.09 -9.27
N TYR A 328 17.85 4.42 -8.43
CA TYR A 328 17.26 5.08 -7.27
C TYR A 328 18.34 5.71 -6.39
N HIS A 329 19.46 5.00 -6.20
CA HIS A 329 20.53 5.53 -5.36
C HIS A 329 21.16 6.76 -5.98
N ILE A 330 21.34 6.76 -7.32
CA ILE A 330 22.00 7.89 -7.97
C ILE A 330 21.07 9.10 -8.00
N MET A 331 19.79 8.88 -8.30
CA MET A 331 18.83 9.99 -8.34
C MET A 331 18.87 10.79 -7.04
N ARG A 332 18.89 10.10 -5.90
CA ARG A 332 18.86 10.78 -4.62
C ARG A 332 20.21 11.37 -4.26
N GLU A 333 21.30 10.69 -4.61
CA GLU A 333 22.62 11.28 -4.45
C GLU A 333 22.77 12.55 -5.28
N GLY A 334 22.00 12.68 -6.36
CA GLY A 334 22.04 13.86 -7.20
C GLY A 334 21.11 14.98 -6.79
N GLY A 335 20.42 14.85 -5.65
CA GLY A 335 19.52 15.87 -5.17
C GLY A 335 18.06 15.63 -5.46
N MET A 336 17.73 14.59 -6.23
CA MET A 336 16.34 14.28 -6.57
C MET A 336 15.74 13.40 -5.47
N ARG A 337 15.53 14.02 -4.31
CA ARG A 337 15.21 13.26 -3.11
C ARG A 337 13.73 12.87 -3.04
N ASP A 338 12.83 13.63 -3.68
CA ASP A 338 11.41 13.37 -3.60
C ASP A 338 10.89 12.50 -4.75
N ILE A 339 11.78 11.79 -5.44
CA ILE A 339 11.32 10.90 -6.50
C ILE A 339 10.53 9.75 -5.89
N ARG A 340 9.78 9.06 -6.75
CA ARG A 340 9.09 7.83 -6.41
C ARG A 340 9.34 6.83 -7.53
N VAL A 341 9.49 5.56 -7.17
CA VAL A 341 9.79 4.50 -8.13
C VAL A 341 8.62 3.52 -8.15
N LEU A 342 8.22 3.13 -9.36
CA LEU A 342 7.19 2.14 -9.57
C LEU A 342 7.78 0.97 -10.35
N PHE A 343 7.42 -0.25 -9.95
CA PHE A 343 7.91 -1.47 -10.57
C PHE A 343 6.79 -2.16 -11.31
N TYR A 344 7.03 -2.47 -12.59
CA TYR A 344 6.06 -3.15 -13.43
C TYR A 344 6.74 -4.31 -14.13
N ARG A 345 6.01 -5.41 -14.28
CA ARG A 345 6.54 -6.58 -14.97
C ARG A 345 6.88 -6.23 -16.42
N ASP A 346 8.09 -6.61 -16.84
CA ASP A 346 8.55 -6.34 -18.20
C ASP A 346 8.16 -7.51 -19.08
N GLY A 347 7.22 -7.28 -20.00
CA GLY A 347 6.69 -8.38 -20.80
C GLY A 347 7.72 -9.02 -21.71
N ASP A 348 8.70 -8.24 -22.17
CA ASP A 348 9.67 -8.73 -23.15
C ASP A 348 10.89 -9.36 -22.47
N ALA A 349 11.59 -8.59 -21.64
CA ALA A 349 12.86 -9.04 -21.07
C ALA A 349 12.69 -9.87 -19.82
N GLY A 350 11.48 -10.01 -19.30
CA GLY A 350 11.29 -10.63 -18.01
C GLY A 350 11.73 -9.75 -16.88
N GLY A 351 11.40 -10.16 -15.67
CA GLY A 351 11.73 -9.35 -14.52
C GLY A 351 10.86 -8.12 -14.45
N PHE A 352 11.48 -6.99 -14.09
CA PHE A 352 10.75 -5.74 -13.87
C PHE A 352 11.41 -4.59 -14.63
N MET A 353 10.58 -3.64 -15.04
CA MET A 353 11.02 -2.30 -15.40
C MET A 353 10.61 -1.35 -14.29
N MET A 354 11.24 -0.18 -14.27
CA MET A 354 11.03 0.79 -13.20
C MET A 354 10.73 2.16 -13.81
N TYR A 355 9.77 2.85 -13.22
CA TYR A 355 9.47 4.23 -13.57
C TYR A 355 9.97 5.12 -12.44
N VAL A 356 10.78 6.11 -12.77
CA VAL A 356 11.19 7.14 -11.82
C VAL A 356 10.21 8.30 -11.98
N ILE A 357 9.39 8.52 -10.96
CA ILE A 357 8.34 9.53 -11.00
C ILE A 357 8.89 10.81 -10.39
N PHE A 358 8.87 11.89 -11.16
CA PHE A 358 9.35 13.17 -10.64
C PHE A 358 8.22 13.94 -9.98
N PRO A 359 8.50 14.67 -8.91
CA PRO A 359 7.46 15.45 -8.24
C PRO A 359 7.21 16.77 -8.95
N GLY A 360 6.00 17.29 -8.76
CA GLY A 360 5.65 18.57 -9.34
C GLY A 360 5.55 18.52 -10.85
N LYS A 361 5.46 19.72 -11.43
CA LYS A 361 5.19 19.89 -12.86
C LYS A 361 6.42 20.36 -13.65
N SER A 362 7.61 20.24 -13.07
CA SER A 362 8.83 20.59 -13.79
C SER A 362 9.97 19.74 -13.26
N VAL A 363 10.98 19.53 -14.10
CA VAL A 363 12.14 18.74 -13.73
C VAL A 363 13.32 19.18 -14.57
N HIS A 364 14.50 19.26 -13.93
CA HIS A 364 15.75 19.54 -14.60
C HIS A 364 16.76 18.48 -14.16
N LEU A 365 17.29 17.74 -15.12
CA LEU A 365 18.29 16.71 -14.85
C LEU A 365 19.66 17.28 -15.19
N HIS A 366 20.46 17.57 -14.16
CA HIS A 366 21.81 18.08 -14.36
C HIS A 366 22.59 17.15 -15.28
N TYR A 367 23.44 17.74 -16.12
CA TYR A 367 24.19 16.94 -17.08
C TYR A 367 25.04 15.89 -16.38
N ARG A 368 25.59 16.23 -15.21
CA ARG A 368 26.36 15.26 -14.45
C ARG A 368 25.49 14.11 -13.99
N LEU A 369 24.24 14.40 -13.61
CA LEU A 369 23.32 13.35 -13.18
C LEU A 369 23.00 12.40 -14.32
N ILE A 370 22.74 12.94 -15.51
CA ILE A 370 22.43 12.08 -16.66
C ILE A 370 23.60 11.15 -16.95
N ASP A 371 24.82 11.70 -16.97
CA ASP A 371 26.00 10.86 -17.16
C ASP A 371 26.03 9.72 -16.15
N HIS A 372 25.74 10.03 -14.88
CA HIS A 372 25.82 9.03 -13.83
C HIS A 372 24.80 7.93 -14.02
N ILE A 373 23.54 8.30 -14.27
CA ILE A 373 22.49 7.28 -14.37
C ILE A 373 22.68 6.44 -15.64
N GLN A 374 23.32 6.99 -16.67
CA GLN A 374 23.59 6.20 -17.86
C GLN A 374 24.66 5.15 -17.59
N ALA A 375 25.72 5.54 -16.88
CA ALA A 375 26.77 4.58 -16.57
C ALA A 375 26.30 3.55 -15.55
N ALA A 376 25.52 3.98 -14.56
CA ALA A 376 25.08 3.06 -13.50
C ALA A 376 24.14 1.99 -14.03
N CYS A 377 23.35 2.31 -15.06
CA CYS A 377 22.34 1.40 -15.59
C CYS A 377 22.70 0.90 -16.99
N ARG A 378 23.98 0.64 -17.22
CA ARG A 378 24.38 0.09 -18.52
C ARG A 378 23.65 -1.22 -18.76
N GLY A 379 23.07 -1.36 -19.96
CA GLY A 379 22.19 -2.46 -20.27
C GLY A 379 20.72 -2.15 -20.10
N TYR A 380 20.38 -0.93 -19.67
CA TYR A 380 19.01 -0.48 -19.53
C TYR A 380 18.79 0.78 -20.36
N LYS A 381 17.62 0.88 -20.99
CA LYS A 381 17.26 2.08 -21.73
C LYS A 381 16.55 3.05 -20.78
N ILE A 382 17.01 4.30 -20.77
CA ILE A 382 16.42 5.36 -19.96
C ILE A 382 15.71 6.32 -20.91
N VAL A 383 14.39 6.45 -20.73
CA VAL A 383 13.55 7.22 -21.63
C VAL A 383 12.68 8.15 -20.80
N ALA A 384 12.65 9.43 -21.18
CA ALA A 384 11.81 10.40 -20.51
C ALA A 384 10.41 10.38 -21.09
N HIS A 385 9.40 10.40 -20.22
CA HIS A 385 8.01 10.33 -20.63
C HIS A 385 7.20 11.40 -19.90
N VAL A 386 6.01 11.66 -20.43
CA VAL A 386 5.00 12.47 -19.77
C VAL A 386 3.70 11.69 -19.79
N TRP A 387 3.07 11.53 -18.63
CA TRP A 387 1.84 10.74 -18.53
C TRP A 387 0.99 11.36 -17.44
N GLN A 388 -0.25 11.74 -17.81
CA GLN A 388 -1.22 12.29 -16.86
C GLN A 388 -0.60 13.40 -16.02
N THR A 389 0.01 14.37 -16.71
CA THR A 389 0.61 15.54 -16.06
C THR A 389 1.74 15.16 -15.11
N THR A 390 2.42 14.05 -15.38
CA THR A 390 3.53 13.59 -14.56
C THR A 390 4.70 13.24 -15.46
N PHE A 391 5.85 13.85 -15.20
CA PHE A 391 7.07 13.53 -15.91
C PHE A 391 7.77 12.36 -15.22
N LEU A 392 8.38 11.49 -16.02
CA LEU A 392 9.01 10.30 -15.48
C LEU A 392 10.11 9.82 -16.42
N LEU A 393 10.94 8.92 -15.89
CA LEU A 393 11.86 8.13 -16.68
C LEU A 393 11.42 6.67 -16.61
N SER A 394 11.47 5.98 -17.74
CA SER A 394 11.31 4.53 -17.77
C SER A 394 12.67 3.87 -17.85
N VAL A 395 12.85 2.80 -17.09
CA VAL A 395 14.11 2.07 -17.00
C VAL A 395 13.80 0.63 -17.36
N CYS A 396 14.09 0.25 -18.61
CA CYS A 396 13.77 -1.07 -19.13
C CYS A 396 15.06 -1.78 -19.56
N ARG A 397 15.18 -3.05 -19.19
CA ARG A 397 16.34 -3.83 -19.58
C ARG A 397 16.41 -3.94 -21.10
N ASN A 398 17.63 -4.04 -21.61
CA ASN A 398 17.86 -4.10 -23.04
C ASN A 398 17.99 -5.55 -23.53
N THR A 405 30.09 -7.95 -15.53
CA THR A 405 30.34 -7.46 -14.18
C THR A 405 29.25 -7.95 -13.22
N VAL A 406 29.63 -8.89 -12.35
CA VAL A 406 28.70 -9.51 -11.42
C VAL A 406 28.56 -8.65 -10.17
N VAL A 407 27.35 -8.59 -9.63
CA VAL A 407 27.07 -7.92 -8.37
C VAL A 407 26.77 -9.00 -7.33
N PRO A 408 27.47 -9.02 -6.19
CA PRO A 408 27.22 -10.08 -5.21
C PRO A 408 25.79 -10.01 -4.68
N SER A 409 25.12 -11.16 -4.70
CA SER A 409 23.74 -11.21 -4.23
C SER A 409 23.69 -10.93 -2.73
N ILE A 410 22.55 -10.41 -2.29
CA ILE A 410 22.32 -10.12 -0.88
C ILE A 410 21.25 -11.07 -0.36
N GLY A 411 21.15 -11.15 0.96
CA GLY A 411 20.13 -11.98 1.58
C GLY A 411 18.75 -11.37 1.49
N THR A 412 17.89 -11.95 0.66
CA THR A 412 16.52 -11.48 0.55
C THR A 412 15.89 -11.34 1.93
N SER A 413 16.03 -12.37 2.77
CA SER A 413 15.41 -12.35 4.08
C SER A 413 15.92 -11.18 4.92
N ASP A 414 17.22 -10.88 4.83
CA ASP A 414 17.77 -9.76 5.58
C ASP A 414 17.04 -8.46 5.25
N VAL A 415 16.69 -8.27 3.97
CA VAL A 415 16.00 -7.05 3.57
C VAL A 415 14.52 -7.14 3.93
N TYR A 416 13.92 -8.31 3.78
CA TYR A 416 12.53 -8.48 4.18
C TYR A 416 12.33 -8.16 5.65
N CYS A 417 13.22 -8.66 6.51
CA CYS A 417 13.11 -8.39 7.94
C CYS A 417 13.24 -6.90 8.24
N LYS A 418 14.18 -6.22 7.59
CA LYS A 418 14.30 -4.78 7.75
C LYS A 418 13.05 -4.07 7.24
N MET A 419 12.42 -4.61 6.20
CA MET A 419 11.20 -4.03 5.67
C MET A 419 10.06 -4.16 6.66
N CYS A 420 10.03 -5.23 7.46
CA CYS A 420 8.98 -5.41 8.44
C CYS A 420 9.15 -4.44 9.62
N ASP A 421 10.40 -4.17 10.01
CA ASP A 421 10.64 -3.31 11.16
C ASP A 421 10.52 -1.83 10.79
N LEU A 422 10.73 -1.48 9.53
CA LEU A 422 10.61 -0.10 9.11
C LEU A 422 9.19 0.41 9.35
N ASN A 423 9.08 1.71 9.56
CA ASN A 423 7.79 2.38 9.69
C ASN A 423 7.54 3.22 8.44
N PHE A 424 6.28 3.23 7.99
CA PHE A 424 5.88 3.94 6.79
C PHE A 424 4.67 4.80 7.11
N ASP A 425 4.76 6.10 6.78
CA ASP A 425 3.65 7.00 7.01
C ASP A 425 2.56 6.76 5.98
N GLY A 426 1.31 6.96 6.40
CA GLY A 426 0.18 6.70 5.51
C GLY A 426 0.23 7.55 4.25
N GLU A 427 0.68 8.79 4.37
CA GLU A 427 0.79 9.65 3.19
C GLU A 427 1.66 9.01 2.12
N LEU A 428 2.78 8.40 2.53
CA LEU A 428 3.66 7.75 1.57
C LEU A 428 2.97 6.56 0.91
N LEU A 429 2.27 5.74 1.69
CA LEU A 429 1.61 4.57 1.13
C LEU A 429 0.47 4.97 0.21
N LEU A 430 -0.27 6.02 0.57
CA LEU A 430 -1.34 6.49 -0.31
C LEU A 430 -0.78 7.07 -1.59
N GLU A 431 0.36 7.75 -1.51
CA GLU A 431 1.00 8.25 -2.73
C GLU A 431 1.27 7.11 -3.71
N TYR A 432 1.85 6.01 -3.23
CA TYR A 432 2.12 4.88 -4.11
C TYR A 432 0.83 4.23 -4.59
N LYS A 433 -0.21 4.23 -3.77
CA LYS A 433 -1.51 3.74 -4.23
C LYS A 433 -1.98 4.54 -5.44
N ARG A 434 -2.00 5.88 -5.32
CA ARG A 434 -2.43 6.71 -6.43
C ARG A 434 -1.53 6.53 -7.64
N LEU A 435 -0.22 6.41 -7.42
CA LEU A 435 0.74 6.37 -8.52
C LEU A 435 0.61 5.06 -9.31
N TYR A 436 0.50 3.93 -8.62
CA TYR A 436 0.33 2.67 -9.33
C TYR A 436 -0.98 2.63 -10.09
N ALA A 437 -2.05 3.18 -9.50
CA ALA A 437 -3.32 3.25 -10.21
C ALA A 437 -3.22 4.17 -11.43
N LEU A 438 -2.48 5.27 -11.31
CA LEU A 438 -2.37 6.21 -12.41
C LEU A 438 -1.59 5.61 -13.58
N PHE A 439 -0.54 4.84 -13.28
CA PHE A 439 0.35 4.31 -14.31
C PHE A 439 0.02 2.89 -14.72
N ASP A 440 -1.04 2.29 -14.18
CA ASP A 440 -1.42 0.94 -14.63
C ASP A 440 -1.74 0.93 -16.11
N ASP A 441 -2.26 2.03 -16.64
CA ASP A 441 -2.62 2.15 -18.05
C ASP A 441 -1.51 2.72 -18.90
N PHE A 442 -0.37 3.08 -18.31
CA PHE A 442 0.74 3.64 -19.06
C PHE A 442 1.49 2.53 -19.77
N VAL A 443 1.76 2.74 -21.06
CA VAL A 443 2.47 1.75 -21.87
C VAL A 443 3.72 2.42 -22.45
N PRO A 444 4.92 2.08 -21.96
CA PRO A 444 6.13 2.66 -22.53
C PRO A 444 6.19 2.43 -24.03
N PRO A 445 6.18 3.48 -24.84
CA PRO A 445 6.20 3.28 -26.31
C PRO A 445 7.27 2.31 -26.77
N ARG A 446 8.51 2.49 -26.31
CA ARG A 446 9.62 1.65 -26.76
C ARG A 446 9.75 1.68 -28.28
N GLY B 8 -54.92 -23.59 50.88
CA GLY B 8 -54.86 -22.54 49.88
C GLY B 8 -53.83 -21.48 50.20
N ASP B 9 -54.06 -20.74 51.30
CA ASP B 9 -53.15 -19.68 51.69
C ASP B 9 -51.74 -20.22 51.89
N ASN B 10 -51.62 -21.39 52.52
CA ASN B 10 -50.29 -21.95 52.77
C ASN B 10 -49.56 -22.25 51.47
N LEU B 11 -50.27 -22.77 50.47
CA LEU B 11 -49.64 -23.08 49.20
C LEU B 11 -49.09 -21.83 48.53
N LEU B 12 -49.93 -20.80 48.37
CA LEU B 12 -49.48 -19.56 47.74
C LEU B 12 -48.27 -18.98 48.47
N GLN B 13 -48.34 -18.93 49.80
CA GLN B 13 -47.20 -18.44 50.58
C GLN B 13 -45.94 -19.22 50.26
N ARG B 14 -46.07 -20.52 50.03
CA ARG B 14 -44.89 -21.34 49.75
C ARG B 14 -44.37 -21.10 48.33
N ILE B 15 -45.28 -20.91 47.36
CA ILE B 15 -44.85 -20.55 46.02
C ILE B 15 -44.15 -19.19 46.04
N ARG B 16 -44.77 -18.21 46.70
CA ARG B 16 -44.13 -16.91 46.84
C ARG B 16 -42.79 -17.02 47.55
N LEU B 17 -42.65 -18.00 48.46
CA LEU B 17 -41.42 -18.12 49.24
C LEU B 17 -40.25 -18.58 48.37
N VAL B 18 -40.50 -19.50 47.43
CA VAL B 18 -39.42 -20.05 46.63
C VAL B 18 -39.06 -19.16 45.44
N VAL B 19 -39.96 -18.29 45.01
CA VAL B 19 -39.67 -17.39 43.88
C VAL B 19 -38.81 -16.24 44.39
N PRO B 20 -37.70 -15.92 43.71
CA PRO B 20 -36.86 -14.80 44.17
C PRO B 20 -37.65 -13.51 44.32
N SER B 21 -37.16 -12.61 45.18
CA SER B 21 -37.89 -11.38 45.48
C SER B 21 -37.95 -10.45 44.27
N ALA B 22 -36.94 -10.47 43.40
CA ALA B 22 -36.93 -9.57 42.26
C ALA B 22 -38.12 -9.81 41.34
N LEU B 23 -38.72 -10.99 41.40
CA LEU B 23 -39.96 -11.29 40.66
C LEU B 23 -41.13 -10.98 41.60
N GLN B 24 -41.69 -9.79 41.47
CA GLN B 24 -42.74 -9.35 42.40
C GLN B 24 -44.05 -10.05 42.09
N CYS B 25 -44.81 -10.33 43.15
CA CYS B 25 -46.06 -11.09 43.01
C CYS B 25 -47.19 -10.17 42.57
N CYS B 26 -47.90 -10.58 41.52
CA CYS B 26 -49.01 -9.80 40.99
C CYS B 26 -50.13 -10.71 40.51
N ASP B 34 -59.50 -24.43 45.38
CA ASP B 34 -59.95 -25.48 46.30
C ASP B 34 -59.26 -26.80 45.94
N PRO B 35 -58.69 -27.49 46.93
CA PRO B 35 -57.86 -28.66 46.60
C PRO B 35 -58.58 -29.73 45.81
N GLN B 36 -59.84 -30.00 46.11
CA GLN B 36 -60.62 -30.95 45.33
C GLN B 36 -61.23 -30.31 44.08
N ARG B 37 -61.03 -29.01 43.87
CA ARG B 37 -61.55 -28.31 42.69
C ARG B 37 -60.52 -27.31 42.22
N PRO B 38 -59.35 -27.77 41.78
CA PRO B 38 -58.30 -26.84 41.32
C PRO B 38 -58.82 -26.01 40.15
N PRO B 39 -58.68 -24.68 40.22
CA PRO B 39 -59.19 -23.86 39.13
C PRO B 39 -58.47 -24.16 37.83
N ALA B 40 -59.09 -23.72 36.72
CA ALA B 40 -58.48 -23.79 35.40
C ALA B 40 -57.95 -22.44 34.94
N ARG B 41 -58.10 -21.40 35.74
CA ARG B 41 -57.64 -20.06 35.41
C ARG B 41 -56.26 -19.83 36.03
N CYS B 42 -55.79 -18.59 35.94
CA CYS B 42 -54.45 -18.26 36.44
C CYS B 42 -54.37 -18.46 37.94
N VAL B 43 -53.38 -19.22 38.38
CA VAL B 43 -53.20 -19.50 39.81
C VAL B 43 -52.34 -18.43 40.47
N PHE B 44 -51.16 -18.15 39.91
CA PHE B 44 -50.27 -17.15 40.46
C PHE B 44 -49.69 -16.30 39.33
N GLN B 45 -49.04 -15.21 39.71
CA GLN B 45 -48.48 -14.27 38.75
C GLN B 45 -47.25 -13.62 39.37
N PHE B 46 -46.13 -13.68 38.65
CA PHE B 46 -44.90 -12.99 39.02
C PHE B 46 -44.36 -12.29 37.78
N ASN B 47 -43.81 -11.09 37.98
CA ASN B 47 -43.28 -10.30 36.87
C ASN B 47 -41.96 -9.66 37.29
N GLY B 48 -41.03 -9.61 36.34
CA GLY B 48 -39.76 -8.92 36.52
C GLY B 48 -39.67 -7.77 35.53
N GLU B 49 -39.40 -6.58 36.06
CA GLU B 49 -39.33 -5.36 35.27
C GLU B 49 -38.05 -5.39 34.42
N ASP B 50 -37.80 -4.29 33.71
CA ASP B 50 -36.66 -4.22 32.82
C ASP B 50 -35.35 -4.43 33.58
N ASN B 51 -34.41 -5.12 32.94
CA ASN B 51 -33.06 -5.35 33.43
C ASN B 51 -33.01 -6.28 34.65
N VAL B 52 -34.09 -6.98 34.95
CA VAL B 52 -34.07 -8.00 36.00
C VAL B 52 -33.36 -9.23 35.45
N SER B 53 -32.68 -9.95 36.35
CA SER B 53 -32.04 -11.23 35.99
C SER B 53 -32.20 -12.17 37.18
N GLU B 54 -33.13 -13.12 37.06
CA GLU B 54 -33.38 -14.09 38.11
C GLU B 54 -33.76 -15.41 37.46
N ALA B 55 -33.82 -16.46 38.29
CA ALA B 55 -34.23 -17.79 37.88
C ALA B 55 -35.55 -18.15 38.56
N PHE B 56 -36.47 -18.72 37.78
CA PHE B 56 -37.76 -19.11 38.31
C PHE B 56 -37.77 -20.62 38.55
N PRO B 57 -38.05 -21.08 39.79
CA PRO B 57 -38.06 -22.53 40.02
C PRO B 57 -39.26 -23.21 39.40
N VAL B 58 -39.19 -23.46 38.09
CA VAL B 58 -40.34 -23.98 37.36
C VAL B 58 -40.72 -25.37 37.85
N GLU B 59 -39.75 -26.29 37.87
CA GLU B 59 -40.08 -27.67 38.21
C GLU B 59 -40.52 -27.80 39.66
N TYR B 60 -39.91 -27.03 40.56
CA TYR B 60 -40.27 -27.14 41.97
C TYR B 60 -41.69 -26.66 42.21
N ILE B 61 -42.08 -25.55 41.59
CA ILE B 61 -43.44 -25.05 41.75
C ILE B 61 -44.43 -25.95 41.06
N MET B 62 -44.04 -26.53 39.92
CA MET B 62 -44.92 -27.47 39.22
C MET B 62 -45.28 -28.65 40.11
N ARG B 63 -44.27 -29.26 40.74
CA ARG B 63 -44.53 -30.42 41.59
C ARG B 63 -45.15 -30.01 42.92
N LEU B 64 -44.76 -28.85 43.46
CA LEU B 64 -45.40 -28.35 44.67
C LEU B 64 -46.89 -28.14 44.46
N MET B 65 -47.28 -27.73 43.24
CA MET B 65 -48.70 -27.53 42.94
C MET B 65 -49.42 -28.87 42.80
N ALA B 66 -48.83 -29.81 42.05
CA ALA B 66 -49.44 -31.11 41.89
C ALA B 66 -49.64 -31.82 43.22
N ASN B 67 -48.77 -31.52 44.20
CA ASN B 67 -48.90 -32.15 45.52
C ASN B 67 -50.18 -31.71 46.21
N TRP B 68 -50.48 -30.40 46.16
CA TRP B 68 -51.62 -29.87 46.90
C TRP B 68 -52.94 -30.35 46.30
N ALA B 69 -53.01 -30.48 44.99
CA ALA B 69 -54.24 -30.91 44.32
C ALA B 69 -54.49 -32.39 44.57
N TYR B 76 -48.51 -26.34 34.32
CA TYR B 76 -48.05 -25.49 33.22
C TYR B 76 -47.78 -24.08 33.69
N ILE B 77 -46.65 -23.52 33.25
CA ILE B 77 -46.27 -22.15 33.55
C ILE B 77 -45.99 -21.45 32.22
N LYS B 78 -46.65 -20.31 32.01
CA LYS B 78 -46.46 -19.52 30.79
C LYS B 78 -45.51 -18.36 31.08
N ILE B 79 -44.66 -18.06 30.10
CA ILE B 79 -43.65 -17.02 30.22
C ILE B 79 -43.83 -16.08 29.03
N GLN B 80 -44.20 -14.83 29.30
CA GLN B 80 -44.58 -13.89 28.26
C GLN B 80 -43.77 -12.60 28.37
N ASN B 81 -43.44 -12.03 27.22
CA ASN B 81 -42.87 -10.69 27.12
C ASN B 81 -44.03 -9.71 26.95
N THR B 82 -44.38 -9.01 28.04
CA THR B 82 -45.51 -8.08 28.01
C THR B 82 -45.20 -6.79 27.28
N GLY B 83 -43.96 -6.59 26.82
CA GLY B 83 -43.52 -5.34 26.29
C GLY B 83 -42.80 -4.45 27.29
N VAL B 84 -43.05 -4.66 28.58
CA VAL B 84 -42.37 -3.93 29.63
C VAL B 84 -41.82 -4.83 30.73
N SER B 85 -41.97 -6.15 30.61
CA SER B 85 -41.55 -7.05 31.67
C SER B 85 -41.60 -8.48 31.15
N VAL B 86 -41.09 -9.39 31.98
CA VAL B 86 -41.34 -10.82 31.83
C VAL B 86 -42.46 -11.20 32.80
N LEU B 87 -43.33 -12.12 32.38
CA LEU B 87 -44.51 -12.47 33.15
C LEU B 87 -44.61 -13.98 33.25
N PHE B 88 -44.52 -14.52 34.47
CA PHE B 88 -44.74 -15.93 34.74
C PHE B 88 -46.16 -16.11 35.25
N GLN B 89 -46.95 -16.92 34.55
CA GLN B 89 -48.33 -17.20 34.92
C GLN B 89 -48.49 -18.70 35.14
N GLY B 90 -49.06 -19.07 36.28
CA GLY B 90 -49.22 -20.46 36.67
C GLY B 90 -50.62 -20.96 36.41
N PHE B 91 -50.71 -22.23 35.98
CA PHE B 91 -51.97 -22.89 35.75
C PHE B 91 -51.85 -24.35 36.16
N PHE B 92 -52.96 -24.93 36.63
CA PHE B 92 -52.97 -26.35 36.92
C PHE B 92 -53.08 -27.19 35.66
N PHE B 93 -53.75 -26.66 34.64
CA PHE B 93 -53.85 -27.31 33.33
C PHE B 93 -53.47 -26.32 32.26
N ARG B 94 -52.71 -26.78 31.27
CA ARG B 94 -52.26 -25.90 30.21
C ARG B 94 -53.45 -25.36 29.44
N PRO B 95 -53.54 -24.05 29.19
CA PRO B 95 -54.63 -23.52 28.37
C PRO B 95 -54.69 -24.21 27.02
N THR B 96 -55.81 -23.98 26.33
CA THR B 96 -56.07 -24.70 25.08
C THR B 96 -55.00 -24.43 24.03
N ASN B 97 -54.56 -23.16 23.92
CA ASN B 97 -53.63 -22.76 22.88
C ASN B 97 -52.31 -22.23 23.44
N ALA B 98 -51.98 -22.60 24.67
CA ALA B 98 -50.75 -22.08 25.27
C ALA B 98 -49.54 -22.75 24.63
N PRO B 99 -48.46 -22.00 24.40
CA PRO B 99 -47.29 -22.58 23.73
C PRO B 99 -46.44 -23.41 24.68
N VAL B 100 -45.73 -24.38 24.09
CA VAL B 100 -44.75 -25.18 24.81
C VAL B 100 -43.40 -25.01 24.11
N ALA B 101 -42.35 -24.85 24.90
CA ALA B 101 -41.05 -24.48 24.36
C ALA B 101 -40.39 -25.68 23.69
N GLU B 102 -39.89 -25.46 22.47
CA GLU B 102 -39.07 -26.45 21.76
C GLU B 102 -37.67 -26.40 22.34
N VAL B 103 -37.51 -27.06 23.49
CA VAL B 103 -36.28 -27.00 24.27
C VAL B 103 -35.62 -28.36 24.28
N SER B 104 -34.30 -28.37 24.15
CA SER B 104 -33.47 -29.55 24.32
C SER B 104 -32.41 -29.26 25.38
N ILE B 105 -31.48 -30.19 25.56
CA ILE B 105 -30.40 -29.97 26.52
C ILE B 105 -29.40 -28.96 25.97
N ASP B 106 -29.03 -29.10 24.69
CA ASP B 106 -28.06 -28.19 24.10
C ASP B 106 -28.71 -26.92 23.59
N SER B 107 -29.84 -27.04 22.88
CA SER B 107 -30.58 -25.88 22.39
C SER B 107 -31.65 -25.53 23.42
N ASN B 108 -31.20 -24.85 24.48
CA ASN B 108 -32.05 -24.53 25.61
C ASN B 108 -32.40 -23.05 25.71
N ASN B 109 -31.90 -22.21 24.82
CA ASN B 109 -32.18 -20.79 24.86
C ASN B 109 -33.35 -20.43 23.95
N VAL B 110 -34.22 -19.57 24.46
CA VAL B 110 -35.30 -18.97 23.65
C VAL B 110 -35.38 -17.50 24.03
N ILE B 111 -35.57 -16.65 23.03
CA ILE B 111 -35.60 -15.20 23.21
C ILE B 111 -36.92 -14.68 22.69
N LEU B 112 -37.65 -13.97 23.53
CA LEU B 112 -39.01 -13.52 23.23
C LEU B 112 -39.01 -12.05 22.84
N SER B 113 -39.61 -11.74 21.70
CA SER B 113 -39.87 -10.36 21.33
C SER B 113 -41.14 -9.87 22.03
N SER B 114 -41.43 -8.59 21.86
CA SER B 114 -42.55 -7.99 22.58
C SER B 114 -43.87 -8.66 22.20
N THR B 115 -44.69 -8.94 23.21
CA THR B 115 -46.04 -9.49 23.12
C THR B 115 -46.04 -10.99 22.84
N LEU B 116 -44.90 -11.61 22.55
CA LEU B 116 -44.84 -13.04 22.31
C LEU B 116 -44.45 -13.78 23.59
N SER B 117 -44.71 -15.08 23.61
CA SER B 117 -44.54 -15.87 24.82
C SER B 117 -44.19 -17.31 24.47
N THR B 118 -43.79 -18.04 25.49
CA THR B 118 -43.53 -19.48 25.40
C THR B 118 -44.05 -20.11 26.69
N GLY B 119 -43.69 -21.36 26.91
CA GLY B 119 -44.09 -22.02 28.14
C GLY B 119 -43.69 -23.49 28.11
N ILE B 120 -44.08 -24.18 29.18
CA ILE B 120 -43.77 -25.59 29.33
C ILE B 120 -44.63 -26.15 30.46
N ASN B 121 -45.06 -27.40 30.32
CA ASN B 121 -45.82 -28.08 31.37
C ASN B 121 -45.01 -29.26 31.90
N LEU B 122 -45.46 -29.79 33.03
CA LEU B 122 -44.71 -30.83 33.72
C LEU B 122 -44.53 -32.07 32.85
N SER B 123 -45.49 -32.35 31.97
CA SER B 123 -45.36 -33.49 31.06
C SER B 123 -44.21 -33.27 30.09
N ALA B 124 -44.18 -32.11 29.42
CA ALA B 124 -43.08 -31.82 28.51
C ALA B 124 -41.74 -31.81 29.23
N LEU B 125 -41.70 -31.23 30.44
CA LEU B 125 -40.48 -31.26 31.24
C LEU B 125 -39.98 -32.68 31.43
N GLU B 126 -40.89 -33.58 31.86
CA GLU B 126 -40.49 -34.96 32.09
C GLU B 126 -39.95 -35.60 30.81
N SER B 127 -40.59 -35.33 29.68
CA SER B 127 -40.13 -35.91 28.42
C SER B 127 -38.70 -35.46 28.09
N ILE B 128 -38.41 -34.17 28.30
CA ILE B 128 -37.07 -33.66 28.03
C ILE B 128 -36.06 -34.31 28.97
N LYS B 129 -36.40 -34.36 30.26
CA LYS B 129 -35.45 -34.89 31.25
C LYS B 129 -35.10 -36.35 30.94
N ARG B 130 -36.12 -37.18 30.69
CA ARG B 130 -35.85 -38.57 30.33
C ARG B 130 -35.08 -38.66 29.02
N GLY B 131 -35.59 -38.01 27.96
CA GLY B 131 -34.92 -38.08 26.67
C GLY B 131 -33.49 -37.60 26.72
N GLY B 132 -33.23 -36.54 27.49
CA GLY B 132 -31.90 -35.97 27.61
C GLY B 132 -30.96 -36.69 28.53
N GLY B 133 -31.34 -37.85 29.07
CA GLY B 133 -30.48 -38.56 29.99
C GLY B 133 -30.29 -37.88 31.32
N ILE B 134 -31.07 -36.84 31.62
CA ILE B 134 -30.93 -36.13 32.88
C ILE B 134 -31.35 -37.04 34.03
N ASP B 135 -30.75 -36.81 35.20
CA ASP B 135 -31.08 -37.59 36.39
C ASP B 135 -32.55 -37.42 36.74
N ARG B 136 -33.31 -38.51 36.68
CA ARG B 136 -34.74 -38.49 36.93
C ARG B 136 -35.08 -38.72 38.40
N ARG B 137 -34.10 -38.67 39.29
CA ARG B 137 -34.36 -38.92 40.71
C ARG B 137 -34.92 -37.67 41.38
N PRO B 138 -35.62 -37.86 42.50
CA PRO B 138 -36.26 -36.71 43.17
C PRO B 138 -35.24 -35.69 43.64
N LEU B 139 -35.51 -34.42 43.36
CA LEU B 139 -34.71 -33.28 43.81
C LEU B 139 -33.24 -33.41 43.41
N GLN B 140 -32.95 -34.16 42.34
CA GLN B 140 -31.59 -34.25 41.81
C GLN B 140 -31.38 -33.38 40.59
N ALA B 141 -32.45 -33.11 39.82
CA ALA B 141 -32.34 -32.28 38.62
C ALA B 141 -33.68 -31.59 38.42
N LEU B 142 -33.78 -30.34 38.86
CA LEU B 142 -35.00 -29.55 38.75
C LEU B 142 -34.82 -28.51 37.66
N MET B 143 -35.74 -28.49 36.70
CA MET B 143 -35.71 -27.50 35.64
C MET B 143 -36.04 -26.12 36.20
N TRP B 144 -35.08 -25.22 36.14
CA TRP B 144 -35.31 -23.80 36.35
C TRP B 144 -35.37 -23.09 34.99
N VAL B 145 -35.78 -21.82 35.02
CA VAL B 145 -35.78 -20.98 33.83
C VAL B 145 -35.10 -19.67 34.22
N ASN B 146 -33.86 -19.50 33.79
CA ASN B 146 -33.19 -18.21 33.92
C ASN B 146 -33.82 -17.22 32.95
N CYS B 147 -34.16 -16.03 33.45
CA CYS B 147 -34.67 -14.97 32.62
C CYS B 147 -33.75 -13.76 32.74
N PHE B 148 -33.54 -13.09 31.61
CA PHE B 148 -32.83 -11.81 31.57
C PHE B 148 -33.73 -10.83 30.84
N VAL B 149 -34.28 -9.87 31.57
CA VAL B 149 -35.23 -8.92 30.99
C VAL B 149 -34.42 -7.81 30.33
N ARG B 150 -34.41 -7.80 29.01
CA ARG B 150 -33.63 -6.89 28.19
C ARG B 150 -34.53 -6.21 27.18
N MET B 151 -35.62 -5.60 27.67
CA MET B 151 -36.62 -4.94 26.84
C MET B 151 -35.95 -4.24 25.66
N PRO B 152 -36.51 -4.35 24.44
CA PRO B 152 -37.82 -4.94 24.12
C PRO B 152 -37.85 -6.47 24.03
N TYR B 153 -36.86 -7.15 24.60
CA TYR B 153 -36.77 -8.60 24.52
C TYR B 153 -36.70 -9.22 25.91
N VAL B 154 -36.99 -10.52 25.98
CA VAL B 154 -36.88 -11.31 27.19
C VAL B 154 -36.12 -12.59 26.83
N GLN B 155 -34.95 -12.78 27.46
CA GLN B 155 -34.10 -13.93 27.21
C GLN B 155 -34.39 -15.00 28.24
N LEU B 156 -34.55 -16.25 27.78
CA LEU B 156 -34.87 -17.37 28.63
C LEU B 156 -33.95 -18.53 28.36
N SER B 157 -33.62 -19.27 29.42
CA SER B 157 -32.80 -20.47 29.31
C SER B 157 -33.39 -21.54 30.23
N PHE B 158 -33.69 -22.70 29.66
CA PHE B 158 -34.26 -23.81 30.42
C PHE B 158 -33.12 -24.74 30.82
N ARG B 159 -32.78 -24.72 32.11
CA ARG B 159 -31.63 -25.45 32.63
C ARG B 159 -32.04 -26.32 33.80
N PHE B 160 -31.48 -27.52 33.86
CA PHE B 160 -31.66 -28.40 35.01
C PHE B 160 -30.60 -28.07 36.06
N MET B 161 -31.05 -27.78 37.27
CA MET B 161 -30.17 -27.44 38.38
C MET B 161 -30.21 -28.56 39.41
N GLY B 162 -29.10 -28.73 40.13
CA GLY B 162 -28.98 -29.79 41.10
C GLY B 162 -28.40 -29.32 42.41
N PRO B 163 -28.44 -30.19 43.42
CA PRO B 163 -27.89 -29.81 44.73
C PRO B 163 -26.37 -29.78 44.72
N GLU B 164 -25.81 -28.99 45.63
CA GLU B 164 -24.36 -28.96 45.78
C GLU B 164 -23.83 -30.27 46.34
N ASP B 165 -24.70 -31.12 46.91
CA ASP B 165 -24.29 -32.40 47.49
C ASP B 165 -25.44 -33.38 47.30
N PRO B 166 -25.38 -34.22 46.26
CA PRO B 166 -26.52 -35.14 46.02
C PRO B 166 -26.80 -36.06 47.20
N SER B 167 -25.75 -36.57 47.86
CA SER B 167 -25.97 -37.49 48.97
C SER B 167 -26.77 -36.83 50.08
N ARG B 168 -26.43 -35.57 50.42
CA ARG B 168 -27.21 -34.84 51.41
C ARG B 168 -28.68 -34.78 51.01
N THR B 169 -28.95 -34.50 49.73
CA THR B 169 -30.33 -34.47 49.26
C THR B 169 -31.00 -35.82 49.46
N ILE B 170 -30.32 -36.89 49.04
CA ILE B 170 -30.87 -38.24 49.24
C ILE B 170 -31.11 -38.50 50.72
N LYS B 171 -30.19 -38.05 51.58
CA LYS B 171 -30.39 -38.21 53.02
C LYS B 171 -31.66 -37.48 53.48
N LEU B 172 -31.83 -36.23 53.04
CA LEU B 172 -33.02 -35.48 53.42
C LEU B 172 -34.30 -36.19 52.98
N MET B 173 -34.28 -36.79 51.80
CA MET B 173 -35.47 -37.49 51.31
C MET B 173 -35.83 -38.65 52.24
N ALA B 174 -34.85 -39.48 52.59
CA ALA B 174 -35.11 -40.59 53.50
C ALA B 174 -35.61 -40.09 54.85
N ARG B 175 -35.01 -39.01 55.35
CA ARG B 175 -35.48 -38.41 56.60
C ARG B 175 -36.97 -38.08 56.52
N ALA B 176 -37.44 -37.65 55.36
CA ALA B 176 -38.83 -37.22 55.21
C ALA B 176 -39.78 -38.39 55.20
N THR B 177 -39.54 -39.38 54.34
CA THR B 177 -40.43 -40.53 54.26
C THR B 177 -40.52 -41.25 55.60
N ASP B 178 -39.42 -41.28 56.36
CA ASP B 178 -39.44 -41.94 57.66
C ASP B 178 -40.21 -41.12 58.69
N ALA B 179 -40.02 -39.80 58.67
CA ALA B 179 -40.64 -38.96 59.69
C ALA B 179 -42.15 -38.86 59.52
N TYR B 180 -42.64 -38.93 58.29
CA TYR B 180 -44.06 -38.73 58.00
C TYR B 180 -44.75 -40.02 57.55
N MET B 181 -44.10 -41.16 57.68
CA MET B 181 -44.74 -42.44 57.36
C MET B 181 -44.37 -43.49 58.41
N TYR B 196 -42.13 -37.80 46.30
CA TYR B 196 -42.25 -36.35 46.42
C TYR B 196 -43.27 -35.96 47.48
N ARG B 197 -44.37 -36.69 47.53
CA ARG B 197 -45.42 -36.40 48.51
C ARG B 197 -44.82 -36.25 49.91
N HIS B 198 -44.10 -37.27 50.37
CA HIS B 198 -43.57 -37.24 51.73
C HIS B 198 -42.55 -36.12 51.90
N TYR B 199 -41.80 -35.80 50.86
CA TYR B 199 -40.89 -34.64 50.93
C TYR B 199 -41.67 -33.36 51.21
N PHE B 200 -42.65 -33.05 50.35
CA PHE B 200 -43.33 -31.76 50.43
C PHE B 200 -44.05 -31.58 51.77
N ASN B 201 -44.55 -32.66 52.36
CA ASN B 201 -45.25 -32.52 53.63
C ASN B 201 -44.28 -32.24 54.77
N TYR B 202 -43.17 -32.99 54.83
CA TYR B 202 -42.15 -32.73 55.85
C TYR B 202 -41.69 -31.28 55.76
N ILE B 203 -41.23 -30.87 54.58
CA ILE B 203 -40.66 -29.53 54.42
C ILE B 203 -41.72 -28.47 54.67
N ALA B 204 -42.99 -28.80 54.47
CA ALA B 204 -44.06 -27.85 54.79
C ALA B 204 -44.05 -27.49 56.27
N ARG B 205 -43.55 -28.39 57.12
CA ARG B 205 -43.45 -28.10 58.55
C ARG B 205 -42.69 -26.80 58.79
N SER B 206 -41.51 -26.68 58.20
CA SER B 206 -40.66 -25.50 58.35
C SER B 206 -40.44 -24.86 56.99
N PRO B 207 -41.20 -23.81 56.64
CA PRO B 207 -41.02 -23.17 55.33
C PRO B 207 -39.60 -22.67 55.13
N PRO B 208 -38.99 -22.02 56.14
CA PRO B 208 -37.60 -21.56 55.95
C PRO B 208 -36.66 -22.68 55.54
N GLU B 209 -36.89 -23.89 56.05
CA GLU B 209 -36.09 -25.03 55.61
C GLU B 209 -36.34 -25.33 54.14
N GLU B 210 -37.57 -25.13 53.67
CA GLU B 210 -37.86 -25.29 52.25
C GLU B 210 -37.08 -24.27 51.43
N LEU B 211 -37.13 -22.99 51.85
CA LEU B 211 -36.43 -21.94 51.11
C LEU B 211 -34.95 -22.27 50.96
N ALA B 212 -34.32 -22.77 52.03
CA ALA B 212 -32.92 -23.17 51.92
C ALA B 212 -32.76 -24.33 50.95
N THR B 213 -33.66 -25.31 51.00
CA THR B 213 -33.58 -26.45 50.09
C THR B 213 -33.62 -25.98 48.63
N VAL B 214 -34.65 -25.23 48.27
CA VAL B 214 -34.75 -24.72 46.91
C VAL B 214 -33.55 -23.85 46.57
N ARG B 215 -33.15 -22.97 47.50
CA ARG B 215 -31.96 -22.15 47.27
C ARG B 215 -30.71 -22.99 47.07
N GLY B 216 -30.69 -24.22 47.58
CA GLY B 216 -29.52 -25.06 47.44
C GLY B 216 -29.25 -25.54 46.03
N LEU B 217 -30.27 -25.54 45.17
CA LEU B 217 -30.13 -26.01 43.79
C LEU B 217 -29.38 -24.93 42.99
N ILE B 218 -28.06 -24.90 43.18
CA ILE B 218 -27.21 -23.88 42.60
C ILE B 218 -26.21 -24.45 41.60
N VAL B 219 -26.35 -25.71 41.25
CA VAL B 219 -25.37 -26.41 40.41
C VAL B 219 -26.03 -26.74 39.07
N PRO B 220 -25.60 -26.13 37.97
CA PRO B 220 -26.10 -26.56 36.65
C PRO B 220 -25.57 -27.95 36.31
N ILE B 221 -26.48 -28.82 35.86
CA ILE B 221 -26.08 -30.17 35.50
C ILE B 221 -25.33 -30.19 34.17
N ILE B 222 -25.64 -29.25 33.28
CA ILE B 222 -25.00 -29.15 31.96
C ILE B 222 -24.32 -27.78 31.94
N LYS B 223 -23.05 -27.74 32.31
CA LYS B 223 -22.32 -26.48 32.39
C LYS B 223 -21.85 -25.98 31.04
N THR B 224 -21.71 -26.86 30.05
CA THR B 224 -21.33 -26.46 28.71
C THR B 224 -22.10 -27.30 27.70
N THR B 225 -22.50 -26.65 26.60
CA THR B 225 -23.20 -27.31 25.51
C THR B 225 -22.45 -27.09 24.21
N PRO B 226 -22.23 -28.13 23.41
CA PRO B 226 -21.51 -27.94 22.15
C PRO B 226 -22.30 -27.12 21.15
N VAL B 227 -21.58 -26.46 20.25
CA VAL B 227 -22.18 -25.69 19.17
C VAL B 227 -21.39 -25.95 17.89
N THR B 228 -22.06 -25.80 16.76
CA THR B 228 -21.41 -25.93 15.46
C THR B 228 -21.10 -24.55 14.91
N LEU B 229 -20.02 -24.47 14.14
CA LEU B 229 -19.70 -23.23 13.45
C LEU B 229 -20.14 -23.33 11.99
N PRO B 230 -20.72 -22.27 11.41
CA PRO B 230 -20.92 -20.93 11.97
C PRO B 230 -21.97 -20.87 13.08
N PHE B 231 -21.70 -20.08 14.12
CA PHE B 231 -22.58 -19.97 15.27
C PHE B 231 -23.01 -18.53 15.43
N ASN B 232 -24.32 -18.28 15.30
CA ASN B 232 -24.87 -16.94 15.46
C ASN B 232 -24.95 -16.60 16.94
N LEU B 233 -24.24 -15.55 17.34
CA LEU B 233 -24.24 -15.16 18.75
C LEU B 233 -25.62 -14.74 19.24
N GLY B 234 -26.55 -14.46 18.32
CA GLY B 234 -27.89 -14.08 18.72
C GLY B 234 -28.61 -15.16 19.51
N GLN B 235 -28.19 -16.42 19.37
CA GLN B 235 -28.80 -17.51 20.10
C GLN B 235 -28.35 -17.57 21.57
N THR B 236 -27.40 -16.74 21.96
CA THR B 236 -26.92 -16.72 23.32
C THR B 236 -27.85 -15.92 24.23
N VAL B 237 -27.70 -16.13 25.54
CA VAL B 237 -28.33 -15.27 26.53
C VAL B 237 -27.22 -14.57 27.32
N ALA B 238 -27.63 -13.65 28.19
CA ALA B 238 -26.71 -12.67 28.74
C ALA B 238 -25.55 -13.28 29.53
N ASP B 239 -25.68 -14.52 29.98
CA ASP B 239 -24.62 -15.15 30.76
C ASP B 239 -23.88 -16.25 29.99
N ASN B 240 -24.11 -16.36 28.68
CA ASN B 240 -23.40 -17.33 27.88
C ASN B 240 -22.05 -16.78 27.45
N CYS B 241 -21.01 -17.59 27.61
CA CYS B 241 -19.70 -17.35 27.01
C CYS B 241 -19.49 -18.34 25.87
N LEU B 242 -18.43 -18.10 25.10
CA LEU B 242 -18.13 -18.91 23.92
C LEU B 242 -16.66 -19.28 23.93
N SER B 243 -16.39 -20.59 23.83
CA SER B 243 -15.03 -21.12 23.80
C SER B 243 -14.82 -21.84 22.47
N LEU B 244 -13.70 -21.54 21.83
CA LEU B 244 -13.36 -22.15 20.54
C LEU B 244 -11.91 -22.60 20.58
N SER B 245 -11.67 -23.84 20.16
CA SER B 245 -10.33 -24.39 20.11
C SER B 245 -10.37 -25.66 19.25
N GLY B 246 -9.19 -26.24 19.03
CA GLY B 246 -9.13 -27.49 18.29
C GLY B 246 -9.88 -28.62 18.96
N MET B 247 -10.01 -28.57 20.28
CA MET B 247 -10.73 -29.62 21.00
C MET B 247 -12.22 -29.58 20.70
N GLY B 248 -12.77 -28.39 20.46
CA GLY B 248 -14.17 -28.28 20.15
C GLY B 248 -14.69 -26.88 20.39
N TYR B 249 -15.98 -26.72 20.12
CA TYR B 249 -16.69 -25.46 20.26
C TYR B 249 -17.86 -25.66 21.22
N HIS B 250 -17.95 -24.83 22.25
CA HIS B 250 -19.02 -24.99 23.23
C HIS B 250 -19.38 -23.65 23.85
N LEU B 251 -20.68 -23.49 24.11
CA LEU B 251 -21.17 -22.42 24.97
C LEU B 251 -21.00 -22.80 26.43
N GLY B 252 -20.83 -21.81 27.28
CA GLY B 252 -20.69 -22.03 28.70
C GLY B 252 -21.59 -21.09 29.49
N LEU B 253 -21.74 -21.40 30.77
CA LEU B 253 -22.46 -20.55 31.71
C LEU B 253 -21.43 -19.69 32.44
N GLY B 254 -21.52 -18.37 32.25
CA GLY B 254 -20.50 -17.48 32.78
C GLY B 254 -20.21 -17.69 34.25
N GLY B 255 -21.26 -17.88 35.05
CA GLY B 255 -21.08 -18.01 36.49
C GLY B 255 -20.29 -19.24 36.91
N TYR B 256 -20.10 -20.21 36.02
CA TYR B 256 -19.43 -21.45 36.37
C TYR B 256 -18.27 -21.79 35.44
N CYS B 257 -18.03 -20.99 34.41
CA CYS B 257 -16.92 -21.24 33.49
C CYS B 257 -15.59 -20.88 34.16
N PRO B 258 -14.60 -21.79 34.16
CA PRO B 258 -13.32 -21.44 34.79
C PRO B 258 -12.59 -20.30 34.10
N THR B 259 -12.83 -20.08 32.80
CA THR B 259 -12.14 -19.02 32.10
C THR B 259 -12.76 -17.65 32.38
N CYS B 260 -14.08 -17.56 32.38
CA CYS B 260 -14.74 -16.30 32.71
C CYS B 260 -14.35 -15.83 34.10
N THR B 261 -14.33 -16.74 35.07
CA THR B 261 -14.04 -16.35 36.45
C THR B 261 -12.59 -15.91 36.60
N ALA B 262 -11.66 -16.62 35.98
CA ALA B 262 -10.25 -16.27 36.12
C ALA B 262 -9.96 -14.92 35.48
N SER B 263 -10.45 -14.70 34.26
CA SER B 263 -10.29 -13.41 33.61
C SER B 263 -11.07 -12.31 34.31
N GLY B 264 -12.01 -12.67 35.18
CA GLY B 264 -12.87 -11.68 35.81
C GLY B 264 -13.74 -10.97 34.80
N GLU B 265 -14.67 -10.16 35.28
CA GLU B 265 -15.52 -9.40 34.36
C GLU B 265 -14.68 -8.35 33.63
N PRO B 266 -14.86 -8.20 32.32
CA PRO B 266 -14.00 -7.28 31.56
C PRO B 266 -14.31 -5.82 31.87
N ARG B 267 -13.36 -4.96 31.51
CA ARG B 267 -13.47 -3.52 31.77
C ARG B 267 -14.22 -2.82 30.64
N LEU B 268 -15.47 -3.22 30.46
CA LEU B 268 -16.30 -2.70 29.38
C LEU B 268 -17.22 -1.60 29.90
N CYS B 269 -16.60 -0.50 30.31
CA CYS B 269 -17.34 0.67 30.75
C CYS B 269 -17.65 1.59 29.57
N ARG B 270 -18.74 2.34 29.69
CA ARG B 270 -19.14 3.30 28.66
C ARG B 270 -19.17 2.65 27.28
N THR B 271 -19.74 1.44 27.22
CA THR B 271 -19.91 0.73 25.96
C THR B 271 -21.36 0.65 25.53
N ASP B 272 -22.25 1.39 26.19
CA ASP B 272 -23.61 1.53 25.69
C ASP B 272 -23.62 2.42 24.45
N ARG B 273 -24.69 2.30 23.66
CA ARG B 273 -24.73 3.01 22.38
C ARG B 273 -24.64 4.52 22.57
N ALA B 274 -25.37 5.05 23.56
CA ALA B 274 -25.35 6.49 23.78
C ALA B 274 -23.93 6.99 24.06
N ALA B 275 -23.22 6.30 24.95
CA ALA B 275 -21.84 6.70 25.24
C ALA B 275 -20.94 6.53 24.02
N LEU B 276 -21.11 5.42 23.29
CA LEU B 276 -20.29 5.19 22.11
C LEU B 276 -20.52 6.27 21.06
N ILE B 277 -21.78 6.68 20.88
CA ILE B 277 -22.09 7.66 19.84
C ILE B 277 -21.52 9.03 20.19
N LEU B 278 -21.55 9.38 21.48
CA LEU B 278 -21.02 10.68 21.90
C LEU B 278 -19.51 10.74 21.74
N ALA B 279 -18.81 9.64 22.05
CA ALA B 279 -17.37 9.62 21.85
C ALA B 279 -16.99 9.59 20.38
N TYR B 280 -17.89 9.07 19.54
CA TYR B 280 -17.59 8.95 18.11
C TYR B 280 -17.69 10.30 17.42
N VAL B 281 -18.70 11.10 17.77
CA VAL B 281 -18.87 12.41 17.14
C VAL B 281 -17.81 13.38 17.64
N GLN B 282 -17.41 13.27 18.91
CA GLN B 282 -16.34 14.10 19.45
C GLN B 282 -14.96 13.53 19.16
N GLN B 283 -14.87 12.33 18.59
CA GLN B 283 -13.60 11.71 18.21
C GLN B 283 -12.63 11.73 19.39
N LEU B 284 -13.07 11.15 20.49
CA LEU B 284 -12.30 11.11 21.73
C LEU B 284 -11.38 9.89 21.81
N ASN B 285 -11.46 8.98 20.85
CA ASN B 285 -10.72 7.72 20.96
C ASN B 285 -9.22 7.96 20.81
N ASN B 286 -8.44 7.03 21.34
CA ASN B 286 -6.99 7.14 21.37
C ASN B 286 -6.40 6.79 20.02
N ILE B 287 -5.10 7.11 19.86
CA ILE B 287 -4.45 6.92 18.57
C ILE B 287 -4.12 5.45 18.33
N TYR B 288 -3.77 4.71 19.37
CA TYR B 288 -3.51 3.29 19.23
C TYR B 288 -4.69 2.58 18.55
N GLU B 289 -5.90 2.85 19.03
CA GLU B 289 -7.09 2.25 18.43
C GLU B 289 -7.14 2.50 16.93
N TYR B 290 -6.95 3.77 16.54
CA TYR B 290 -7.10 4.14 15.13
C TYR B 290 -6.04 3.50 14.24
N ARG B 291 -4.91 3.06 14.81
CA ARG B 291 -3.81 2.60 13.97
C ARG B 291 -4.12 1.24 13.34
N VAL B 292 -4.49 0.25 14.15
CA VAL B 292 -4.79 -1.07 13.61
C VAL B 292 -6.05 -1.04 12.77
N PHE B 293 -7.01 -0.20 13.13
CA PHE B 293 -8.22 -0.05 12.34
C PHE B 293 -7.90 0.59 10.99
N LEU B 294 -7.12 1.68 11.00
CA LEU B 294 -6.81 2.38 9.77
C LEU B 294 -5.80 1.63 8.92
N ALA B 295 -4.91 0.86 9.54
CA ALA B 295 -3.99 0.02 8.76
C ALA B 295 -4.76 -0.96 7.88
N SER B 296 -5.94 -1.41 8.35
CA SER B 296 -6.77 -2.28 7.53
C SER B 296 -7.32 -1.54 6.31
N ILE B 297 -7.71 -0.29 6.49
CA ILE B 297 -8.25 0.47 5.37
C ILE B 297 -7.16 0.82 4.38
N LEU B 298 -5.94 1.07 4.85
CA LEU B 298 -4.82 1.27 3.93
C LEU B 298 -4.57 0.02 3.10
N ALA B 299 -4.60 -1.16 3.73
CA ALA B 299 -4.37 -2.39 3.00
C ALA B 299 -5.52 -2.69 2.04
N LEU B 300 -6.74 -2.27 2.38
CA LEU B 300 -7.87 -2.52 1.51
C LEU B 300 -7.85 -1.59 0.29
N SER B 301 -7.53 -0.31 0.52
CA SER B 301 -7.61 0.68 -0.57
C SER B 301 -6.75 0.29 -1.76
N ASP B 302 -5.72 -0.53 -1.56
CA ASP B 302 -4.84 -0.96 -2.64
C ASP B 302 -5.16 -2.36 -3.13
N ARG B 303 -6.37 -2.86 -2.85
CA ARG B 303 -6.78 -4.22 -3.20
C ARG B 303 -8.07 -4.18 -3.99
N ALA B 304 -7.99 -4.31 -5.31
CA ALA B 304 -9.17 -4.42 -6.17
C ALA B 304 -10.24 -3.40 -5.78
N ASN B 305 -9.81 -2.22 -5.34
CA ASN B 305 -10.72 -1.22 -4.81
C ASN B 305 -10.27 0.18 -5.22
N ALA B 309 -9.58 3.08 -7.16
CA ALA B 309 -10.45 4.01 -6.44
C ALA B 309 -9.63 4.99 -5.61
N SER B 310 -10.30 5.76 -4.77
CA SER B 310 -9.67 6.74 -3.90
C SER B 310 -9.90 6.37 -2.44
N ALA B 311 -8.96 6.79 -1.58
CA ALA B 311 -8.96 6.34 -0.20
C ALA B 311 -9.90 7.15 0.69
N GLU B 312 -10.06 8.45 0.42
CA GLU B 312 -10.85 9.29 1.30
C GLU B 312 -12.33 8.90 1.20
N PRO B 313 -12.86 8.60 0.00
CA PRO B 313 -14.23 8.07 -0.05
C PRO B 313 -14.37 6.72 0.61
N LEU B 314 -13.40 5.82 0.42
CA LEU B 314 -13.47 4.50 1.05
C LEU B 314 -13.55 4.64 2.57
N LEU B 315 -12.59 5.37 3.15
CA LEU B 315 -12.61 5.60 4.60
C LEU B 315 -13.95 6.20 5.04
N SER B 316 -14.44 7.18 4.29
CA SER B 316 -15.71 7.81 4.65
C SER B 316 -16.83 6.78 4.67
N SER B 317 -16.83 5.86 3.70
CA SER B 317 -17.86 4.83 3.66
C SER B 317 -17.82 3.96 4.91
N VAL B 318 -16.62 3.56 5.33
CA VAL B 318 -16.48 2.73 6.52
C VAL B 318 -16.90 3.51 7.76
N LEU B 319 -16.44 4.76 7.87
CA LEU B 319 -16.81 5.59 9.02
C LEU B 319 -18.30 5.86 9.06
N ALA B 320 -19.00 5.74 7.94
CA ALA B 320 -20.45 5.87 7.93
C ALA B 320 -21.15 4.71 8.62
N GLN B 321 -20.42 3.63 8.95
CA GLN B 321 -20.96 2.50 9.68
C GLN B 321 -20.27 2.42 11.03
N PRO B 322 -20.63 3.29 11.98
CA PRO B 322 -19.87 3.35 13.24
C PRO B 322 -19.92 2.07 14.05
N GLU B 323 -20.91 1.20 13.81
CA GLU B 323 -20.96 -0.06 14.54
C GLU B 323 -19.72 -0.90 14.28
N LEU B 324 -19.13 -0.78 13.09
CA LEU B 324 -17.92 -1.54 12.79
C LEU B 324 -16.79 -1.14 13.73
N PHE B 325 -16.59 0.17 13.93
CA PHE B 325 -15.57 0.61 14.87
C PHE B 325 -15.97 0.35 16.31
N PHE B 326 -17.27 0.41 16.62
CA PHE B 326 -17.73 0.08 17.96
C PHE B 326 -17.31 -1.34 18.33
N MET B 327 -17.55 -2.29 17.44
CA MET B 327 -17.15 -3.68 17.68
C MET B 327 -15.66 -3.76 17.98
N TYR B 328 -14.83 -3.16 17.12
CA TYR B 328 -13.39 -3.26 17.30
C TYR B 328 -12.95 -2.60 18.61
N HIS B 329 -13.49 -1.43 18.91
CA HIS B 329 -13.14 -0.74 20.14
C HIS B 329 -13.53 -1.55 21.37
N ILE B 330 -14.67 -2.24 21.32
CA ILE B 330 -15.12 -3.01 22.47
C ILE B 330 -14.29 -4.26 22.65
N MET B 331 -14.01 -4.97 21.55
CA MET B 331 -13.14 -6.14 21.62
C MET B 331 -11.80 -5.78 22.24
N ARG B 332 -11.25 -4.63 21.86
CA ARG B 332 -9.95 -4.23 22.41
C ARG B 332 -10.09 -3.82 23.87
N GLU B 333 -11.09 -3.00 24.20
CA GLU B 333 -11.31 -2.63 25.59
C GLU B 333 -11.57 -3.85 26.45
N GLY B 334 -12.13 -4.91 25.88
CA GLY B 334 -12.39 -6.15 26.58
C GLY B 334 -11.18 -7.04 26.76
N GLY B 335 -9.99 -6.57 26.42
CA GLY B 335 -8.78 -7.34 26.62
C GLY B 335 -8.43 -8.31 25.52
N MET B 336 -9.22 -8.37 24.46
CA MET B 336 -8.90 -9.23 23.31
C MET B 336 -7.75 -8.59 22.55
N ARG B 337 -6.54 -9.10 22.75
CA ARG B 337 -5.35 -8.48 22.20
C ARG B 337 -5.03 -9.04 20.81
N ASP B 338 -4.22 -8.29 20.08
CA ASP B 338 -3.76 -8.68 18.75
C ASP B 338 -4.92 -8.94 17.79
N ILE B 339 -6.01 -8.19 17.96
CA ILE B 339 -7.16 -8.31 17.07
C ILE B 339 -6.87 -7.59 15.77
N ARG B 340 -7.25 -8.22 14.65
CA ARG B 340 -7.22 -7.60 13.35
C ARG B 340 -8.62 -7.58 12.77
N VAL B 341 -8.93 -6.55 12.00
CA VAL B 341 -10.25 -6.38 11.40
C VAL B 341 -10.10 -6.24 9.89
N LEU B 342 -10.94 -6.97 9.15
CA LEU B 342 -10.97 -6.93 7.70
C LEU B 342 -12.30 -6.35 7.24
N PHE B 343 -12.27 -5.61 6.14
CA PHE B 343 -13.46 -4.98 5.57
C PHE B 343 -13.70 -5.52 4.17
N TYR B 344 -14.94 -5.95 3.92
CA TYR B 344 -15.34 -6.48 2.61
C TYR B 344 -16.67 -5.87 2.22
N ARG B 345 -16.82 -5.60 0.92
CA ARG B 345 -18.08 -5.06 0.43
C ARG B 345 -19.21 -6.05 0.65
N ASP B 346 -20.35 -5.53 1.11
CA ASP B 346 -21.52 -6.34 1.41
C ASP B 346 -22.45 -6.31 0.19
N GLY B 347 -22.51 -7.41 -0.54
CA GLY B 347 -23.35 -7.47 -1.73
C GLY B 347 -24.83 -7.50 -1.41
N ASP B 348 -25.20 -8.03 -0.26
CA ASP B 348 -26.61 -8.12 0.10
C ASP B 348 -27.17 -6.77 0.52
N ALA B 349 -26.58 -6.16 1.55
CA ALA B 349 -27.10 -4.93 2.13
C ALA B 349 -26.41 -3.68 1.60
N GLY B 350 -25.31 -3.82 0.87
CA GLY B 350 -24.50 -2.69 0.48
C GLY B 350 -23.58 -2.25 1.60
N GLY B 351 -22.73 -1.29 1.29
CA GLY B 351 -21.75 -0.84 2.27
C GLY B 351 -20.70 -1.92 2.50
N PHE B 352 -20.28 -2.05 3.76
CA PHE B 352 -19.22 -2.97 4.13
C PHE B 352 -19.64 -3.86 5.28
N MET B 353 -19.11 -5.07 5.29
CA MET B 353 -19.13 -5.96 6.44
C MET B 353 -17.70 -6.13 6.94
N MET B 354 -17.57 -6.52 8.20
CA MET B 354 -16.26 -6.58 8.86
C MET B 354 -16.04 -7.96 9.48
N TYR B 355 -14.82 -8.45 9.38
CA TYR B 355 -14.40 -9.67 10.05
C TYR B 355 -13.46 -9.31 11.19
N VAL B 356 -13.73 -9.83 12.37
CA VAL B 356 -12.85 -9.67 13.53
C VAL B 356 -11.99 -10.92 13.59
N ILE B 357 -10.72 -10.79 13.23
CA ILE B 357 -9.81 -11.92 13.14
C ILE B 357 -9.15 -12.14 14.49
N PHE B 358 -9.28 -13.37 15.02
CA PHE B 358 -8.61 -13.69 16.28
C PHE B 358 -7.22 -14.26 16.02
N PRO B 359 -6.26 -13.96 16.91
CA PRO B 359 -4.86 -14.24 16.57
C PRO B 359 -4.41 -15.68 16.81
N GLY B 360 -4.98 -16.34 17.81
CA GLY B 360 -4.46 -17.60 18.30
C GLY B 360 -5.28 -18.82 17.90
N LYS B 361 -4.78 -19.98 18.33
CA LYS B 361 -5.43 -21.25 18.07
C LYS B 361 -6.63 -21.51 18.97
N SER B 362 -6.91 -20.62 19.92
CA SER B 362 -8.08 -20.74 20.78
C SER B 362 -8.64 -19.35 21.05
N VAL B 363 -9.93 -19.30 21.37
CA VAL B 363 -10.63 -18.06 21.65
C VAL B 363 -11.66 -18.32 22.75
N HIS B 364 -11.72 -17.42 23.73
CA HIS B 364 -12.79 -17.39 24.72
C HIS B 364 -13.37 -15.99 24.76
N LEU B 365 -14.68 -15.90 24.59
CA LEU B 365 -15.41 -14.63 24.63
C LEU B 365 -16.19 -14.57 25.93
N HIS B 366 -15.75 -13.69 26.82
CA HIS B 366 -16.46 -13.50 28.09
C HIS B 366 -17.92 -13.13 27.82
N TYR B 367 -18.81 -13.61 28.68
CA TYR B 367 -20.23 -13.41 28.43
C TYR B 367 -20.60 -11.92 28.44
N ARG B 368 -19.96 -11.14 29.32
CA ARG B 368 -20.15 -9.69 29.27
C ARG B 368 -19.73 -9.12 27.93
N LEU B 369 -18.63 -9.62 27.37
CA LEU B 369 -18.15 -9.13 26.08
C LEU B 369 -19.16 -9.42 24.98
N ILE B 370 -19.68 -10.65 24.95
CA ILE B 370 -20.70 -10.99 23.96
C ILE B 370 -21.92 -10.10 24.13
N ASP B 371 -22.38 -9.95 25.38
CA ASP B 371 -23.55 -9.12 25.65
C ASP B 371 -23.34 -7.70 25.15
N HIS B 372 -22.14 -7.15 25.32
CA HIS B 372 -21.92 -5.75 24.99
C HIS B 372 -21.72 -5.51 23.49
N ILE B 373 -21.01 -6.40 22.80
CA ILE B 373 -20.83 -6.21 21.37
C ILE B 373 -22.17 -6.37 20.65
N GLN B 374 -23.08 -7.17 21.20
CA GLN B 374 -24.43 -7.27 20.63
C GLN B 374 -25.21 -5.98 20.84
N ALA B 375 -25.12 -5.41 22.04
CA ALA B 375 -25.85 -4.18 22.33
C ALA B 375 -25.36 -3.02 21.50
N ALA B 376 -24.05 -2.96 21.22
CA ALA B 376 -23.49 -1.82 20.50
C ALA B 376 -23.69 -1.92 18.99
N CYS B 377 -23.79 -3.14 18.46
CA CYS B 377 -23.93 -3.37 17.03
C CYS B 377 -25.37 -3.70 16.65
N ARG B 378 -26.33 -3.02 17.28
CA ARG B 378 -27.73 -3.18 16.92
C ARG B 378 -27.91 -3.01 15.41
N GLY B 379 -28.64 -3.94 14.82
CA GLY B 379 -28.83 -3.97 13.38
C GLY B 379 -27.81 -4.80 12.62
N TYR B 380 -26.88 -5.44 13.32
CA TYR B 380 -25.84 -6.25 12.69
C TYR B 380 -25.88 -7.66 13.27
N LYS B 381 -25.69 -8.65 12.41
CA LYS B 381 -25.59 -10.04 12.82
C LYS B 381 -24.13 -10.39 13.09
N ILE B 382 -23.87 -10.94 14.28
CA ILE B 382 -22.53 -11.32 14.70
C ILE B 382 -22.47 -12.84 14.73
N VAL B 383 -21.57 -13.41 13.94
CA VAL B 383 -21.48 -14.86 13.76
C VAL B 383 -20.03 -15.30 13.93
N ALA B 384 -19.84 -16.40 14.65
CA ALA B 384 -18.52 -16.97 14.88
C ALA B 384 -18.20 -17.99 13.80
N HIS B 385 -16.97 -17.97 13.32
CA HIS B 385 -16.55 -18.84 12.22
C HIS B 385 -15.17 -19.43 12.51
N VAL B 386 -14.86 -20.50 11.81
CA VAL B 386 -13.50 -21.00 11.65
C VAL B 386 -13.21 -21.08 10.16
N TRP B 387 -12.06 -20.53 9.76
CA TRP B 387 -11.68 -20.47 8.35
C TRP B 387 -10.18 -20.73 8.26
N GLN B 388 -9.81 -21.88 7.69
CA GLN B 388 -8.41 -22.25 7.52
C GLN B 388 -7.68 -22.22 8.86
N THR B 389 -8.32 -22.80 9.87
CA THR B 389 -7.83 -22.89 11.25
C THR B 389 -7.86 -21.55 11.97
N THR B 390 -8.31 -20.47 11.33
CA THR B 390 -8.39 -19.15 11.95
C THR B 390 -9.82 -18.91 12.42
N PHE B 391 -9.96 -18.48 13.66
CA PHE B 391 -11.26 -18.11 14.20
C PHE B 391 -11.53 -16.62 13.96
N LEU B 392 -12.80 -16.29 13.79
CA LEU B 392 -13.19 -14.92 13.51
C LEU B 392 -14.66 -14.71 13.85
N LEU B 393 -15.04 -13.44 13.95
CA LEU B 393 -16.42 -13.02 13.96
C LEU B 393 -16.72 -12.26 12.67
N SER B 394 -17.85 -12.57 12.06
CA SER B 394 -18.35 -11.78 10.93
C SER B 394 -19.41 -10.81 11.45
N VAL B 395 -19.32 -9.56 11.01
CA VAL B 395 -20.23 -8.50 11.44
C VAL B 395 -20.87 -7.95 10.17
N CYS B 396 -22.08 -8.41 9.86
CA CYS B 396 -22.78 -8.08 8.63
C CYS B 396 -24.12 -7.43 8.93
N ARG B 397 -24.45 -6.38 8.18
CA ARG B 397 -25.75 -5.74 8.30
C ARG B 397 -26.87 -6.77 8.18
N ASN B 398 -27.69 -6.86 9.20
CA ASN B 398 -28.92 -7.63 9.09
C ASN B 398 -29.92 -6.82 8.27
N PRO B 399 -30.55 -7.41 7.24
CA PRO B 399 -31.51 -6.63 6.46
C PRO B 399 -32.72 -6.24 7.30
N GLU B 400 -32.51 -5.29 8.21
CA GLU B 400 -33.54 -4.74 9.06
C GLU B 400 -33.18 -3.27 9.32
N GLN B 401 -33.82 -2.67 10.31
CA GLN B 401 -33.56 -1.28 10.63
C GLN B 401 -32.34 -1.15 11.54
N GLN B 402 -31.70 0.02 11.48
CA GLN B 402 -30.48 0.32 12.24
C GLN B 402 -29.26 -0.32 11.60
N VAL B 406 -28.17 8.56 15.71
CA VAL B 406 -27.53 7.30 15.36
C VAL B 406 -26.16 7.57 14.75
N VAL B 407 -26.13 8.39 13.71
CA VAL B 407 -24.91 8.65 12.97
C VAL B 407 -24.82 10.13 12.60
N PRO B 408 -24.68 11.04 13.57
CA PRO B 408 -24.42 12.43 13.23
C PRO B 408 -23.15 12.54 12.40
N SER B 409 -23.07 13.62 11.61
CA SER B 409 -21.99 13.76 10.65
C SER B 409 -20.64 13.49 11.29
N ILE B 410 -19.98 12.45 10.79
CA ILE B 410 -18.63 12.13 11.25
C ILE B 410 -17.62 13.05 10.56
N GLY B 411 -16.46 13.19 11.19
CA GLY B 411 -15.39 13.94 10.57
C GLY B 411 -14.64 13.08 9.59
N THR B 412 -14.91 13.27 8.29
CA THR B 412 -14.27 12.44 7.28
C THR B 412 -12.87 12.94 6.95
N SER B 413 -12.71 14.26 6.79
CA SER B 413 -11.38 14.81 6.51
C SER B 413 -10.48 14.74 7.74
N ASP B 414 -11.06 14.84 8.93
CA ASP B 414 -10.25 14.79 10.15
C ASP B 414 -9.57 13.44 10.32
N VAL B 415 -10.33 12.36 10.14
CA VAL B 415 -9.76 11.03 10.31
C VAL B 415 -8.79 10.71 9.17
N TYR B 416 -9.11 11.14 7.95
CA TYR B 416 -8.21 10.90 6.83
C TYR B 416 -6.84 11.50 7.09
N CYS B 417 -6.80 12.71 7.66
CA CYS B 417 -5.51 13.32 7.98
C CYS B 417 -4.75 12.52 9.03
N LYS B 418 -5.47 11.93 9.99
CA LYS B 418 -4.82 11.02 10.92
C LYS B 418 -4.16 9.86 10.19
N MET B 419 -4.89 9.26 9.26
CA MET B 419 -4.36 8.12 8.51
C MET B 419 -3.15 8.52 7.68
N CYS B 420 -3.12 9.75 7.16
CA CYS B 420 -2.00 10.20 6.35
C CYS B 420 -0.75 10.43 7.22
N ASP B 421 -0.95 10.93 8.44
CA ASP B 421 0.18 11.28 9.30
C ASP B 421 0.63 10.13 10.19
N LEU B 422 -0.17 9.08 10.33
CA LEU B 422 0.21 7.96 11.17
C LEU B 422 1.37 7.18 10.55
N ASN B 423 2.20 6.61 11.42
CA ASN B 423 3.26 5.70 11.01
C ASN B 423 2.78 4.27 11.17
N PHE B 424 2.92 3.48 10.11
CA PHE B 424 2.55 2.07 10.10
C PHE B 424 3.80 1.24 9.86
N ASP B 425 4.02 0.23 10.71
CA ASP B 425 5.18 -0.64 10.53
C ASP B 425 4.91 -1.63 9.41
N GLY B 426 5.98 -2.06 8.74
CA GLY B 426 5.83 -2.98 7.63
C GLY B 426 5.16 -4.27 8.02
N GLU B 427 5.50 -4.79 9.21
CA GLU B 427 4.92 -6.06 9.65
C GLU B 427 3.40 -5.99 9.69
N LEU B 428 2.86 -4.90 10.22
CA LEU B 428 1.41 -4.76 10.30
C LEU B 428 0.79 -4.69 8.91
N LEU B 429 1.40 -3.92 8.01
CA LEU B 429 0.87 -3.81 6.65
C LEU B 429 0.93 -5.15 5.93
N LEU B 430 2.04 -5.88 6.08
CA LEU B 430 2.15 -7.18 5.42
C LEU B 430 1.21 -8.20 6.06
N GLU B 431 1.05 -8.12 7.39
CA GLU B 431 0.11 -9.00 8.06
C GLU B 431 -1.30 -8.82 7.52
N TYR B 432 -1.72 -7.57 7.31
CA TYR B 432 -3.03 -7.32 6.74
C TYR B 432 -3.11 -7.80 5.29
N LYS B 433 -2.04 -7.58 4.53
CA LYS B 433 -1.99 -8.10 3.16
C LYS B 433 -2.18 -9.61 3.16
N ARG B 434 -1.54 -10.30 4.10
CA ARG B 434 -1.70 -11.75 4.18
C ARG B 434 -3.13 -12.13 4.55
N LEU B 435 -3.74 -11.39 5.48
CA LEU B 435 -5.08 -11.75 5.94
C LEU B 435 -6.12 -11.54 4.85
N TYR B 436 -6.07 -10.38 4.18
CA TYR B 436 -7.03 -10.13 3.11
C TYR B 436 -6.94 -11.19 2.02
N ALA B 437 -5.73 -11.61 1.66
CA ALA B 437 -5.59 -12.70 0.70
C ALA B 437 -6.22 -13.97 1.24
N LEU B 438 -6.01 -14.27 2.53
CA LEU B 438 -6.55 -15.48 3.12
C LEU B 438 -8.07 -15.48 3.09
N PHE B 439 -8.68 -14.32 3.35
CA PHE B 439 -10.13 -14.23 3.50
C PHE B 439 -10.84 -13.72 2.25
N ASP B 440 -10.14 -13.66 1.12
CA ASP B 440 -10.81 -13.29 -0.13
C ASP B 440 -11.83 -14.35 -0.55
N ASP B 441 -11.58 -15.61 -0.21
CA ASP B 441 -12.47 -16.70 -0.57
C ASP B 441 -13.52 -17.00 0.50
N PHE B 442 -13.45 -16.32 1.65
CA PHE B 442 -14.43 -16.53 2.70
C PHE B 442 -15.71 -15.78 2.39
N VAL B 443 -16.85 -16.38 2.76
CA VAL B 443 -18.17 -15.81 2.48
C VAL B 443 -19.01 -15.91 3.75
N PRO B 444 -19.41 -14.81 4.37
CA PRO B 444 -20.19 -14.88 5.61
C PRO B 444 -21.65 -15.14 5.33
N PRO B 445 -22.45 -15.38 6.35
CA PRO B 445 -23.87 -15.69 6.13
C PRO B 445 -24.64 -14.45 5.68
N ARG B 446 -25.76 -14.69 5.00
CA ARG B 446 -26.63 -13.61 4.57
C ARG B 446 -27.11 -12.80 5.78
#